data_6EWU
#
_entry.id   6EWU
#
_cell.length_a   1.000
_cell.length_b   1.000
_cell.length_c   1.000
_cell.angle_alpha   90.00
_cell.angle_beta   90.00
_cell.angle_gamma   90.00
#
_symmetry.space_group_name_H-M   'P 1'
#
_entity_poly.entity_id   1
_entity_poly.type   'polypeptide(L)'
_entity_poly.pdbx_seq_one_letter_code
;GIDAAQIVDEALEQGITLFVVNNRLQYETSRDSIPTELLNKWKQHKQELIDFLNQLDSEEQTK
;
_entity_poly.pdbx_strand_id   A
#
# COMPACT_ATOMS: atom_id res chain seq x y z
N GLY A 1 3.70 1.54 -16.39
CA GLY A 1 3.14 2.15 -15.19
C GLY A 1 3.29 1.26 -13.97
N ILE A 2 2.57 1.61 -12.91
CA ILE A 2 2.62 0.84 -11.68
C ILE A 2 1.22 0.41 -11.24
N ASP A 3 1.12 -0.83 -10.76
CA ASP A 3 -0.16 -1.37 -10.30
C ASP A 3 -0.22 -1.41 -8.78
N ALA A 4 -1.13 -0.63 -8.21
CA ALA A 4 -1.29 -0.58 -6.76
C ALA A 4 -1.48 -1.98 -6.18
N ALA A 5 -2.26 -2.79 -6.87
CA ALA A 5 -2.52 -4.16 -6.42
C ALA A 5 -1.23 -4.98 -6.39
N GLN A 6 -0.35 -4.71 -7.36
CA GLN A 6 0.92 -5.43 -7.44
C GLN A 6 1.82 -5.09 -6.25
N ILE A 7 1.76 -3.83 -5.82
CA ILE A 7 2.57 -3.37 -4.70
C ILE A 7 2.07 -3.95 -3.38
N VAL A 8 0.75 -4.12 -3.29
CA VAL A 8 0.14 -4.67 -2.08
C VAL A 8 0.39 -6.17 -1.97
N ASP A 9 0.48 -6.84 -3.11
CA ASP A 9 0.73 -8.27 -3.15
C ASP A 9 2.14 -8.60 -2.67
N GLU A 10 3.12 -7.90 -3.24
CA GLU A 10 4.52 -8.12 -2.88
C GLU A 10 4.77 -7.73 -1.42
N ALA A 11 4.10 -6.66 -0.98
CA ALA A 11 4.25 -6.19 0.39
C ALA A 11 3.72 -7.21 1.39
N LEU A 12 2.58 -7.82 1.07
CA LEU A 12 1.97 -8.82 1.94
C LEU A 12 2.85 -10.06 2.03
N GLU A 13 3.48 -10.42 0.91
CA GLU A 13 4.34 -11.59 0.86
C GLU A 13 5.45 -11.49 1.91
N GLN A 14 5.88 -10.26 2.19
CA GLN A 14 6.95 -10.04 3.17
C GLN A 14 6.37 -9.90 4.57
N GLY A 15 5.04 -9.91 4.66
CA GLY A 15 4.38 -9.78 5.95
C GLY A 15 4.01 -8.36 6.27
N ILE A 16 3.77 -7.56 5.24
CA ILE A 16 3.41 -6.16 5.42
C ILE A 16 1.98 -5.90 4.96
N THR A 17 1.15 -5.41 5.88
CA THR A 17 -0.25 -5.12 5.57
C THR A 17 -0.43 -3.65 5.21
N LEU A 18 -0.98 -3.40 4.02
CA LEU A 18 -1.20 -2.04 3.56
C LEU A 18 -2.65 -1.62 3.80
N PHE A 19 -2.86 -0.32 4.04
CA PHE A 19 -4.19 0.20 4.28
C PHE A 19 -4.16 1.73 4.39
N VAL A 20 -5.33 2.34 4.34
CA VAL A 20 -5.45 3.79 4.43
C VAL A 20 -6.30 4.20 5.63
N VAL A 21 -5.77 5.07 6.47
CA VAL A 21 -6.49 5.55 7.64
C VAL A 21 -6.72 7.05 7.58
N ASN A 22 -7.98 7.45 7.46
CA ASN A 22 -8.33 8.86 7.38
C ASN A 22 -7.68 9.53 6.18
N ASN A 23 -7.65 8.81 5.05
CA ASN A 23 -7.06 9.33 3.82
C ASN A 23 -5.54 9.39 3.94
N ARG A 24 -4.97 8.48 4.72
CA ARG A 24 -3.52 8.43 4.92
C ARG A 24 -3.00 7.01 4.76
N LEU A 25 -2.06 6.84 3.83
CA LEU A 25 -1.48 5.53 3.57
C LEU A 25 -0.64 5.06 4.76
N GLN A 26 -1.03 3.94 5.35
CA GLN A 26 -0.31 3.39 6.49
C GLN A 26 -0.16 1.87 6.37
N TYR A 27 0.88 1.34 6.97
CA TYR A 27 1.15 -0.10 6.92
C TYR A 27 1.51 -0.64 8.30
N GLU A 28 1.21 -1.91 8.53
CA GLU A 28 1.50 -2.53 9.82
C GLU A 28 2.19 -3.88 9.61
N THR A 29 3.41 -4.00 10.13
CA THR A 29 4.19 -5.22 10.01
C THR A 29 5.07 -5.46 11.23
N SER A 30 5.36 -6.71 11.51
CA SER A 30 6.20 -7.06 12.66
C SER A 30 7.45 -7.81 12.21
N ARG A 31 8.56 -7.08 12.14
CA ARG A 31 9.83 -7.68 11.72
C ARG A 31 10.90 -6.61 11.57
N ASP A 32 12.08 -7.02 11.09
CA ASP A 32 13.19 -6.09 10.90
C ASP A 32 13.85 -6.32 9.54
N SER A 33 14.69 -5.37 9.14
CA SER A 33 15.40 -5.47 7.86
C SER A 33 14.41 -5.42 6.69
N ILE A 34 13.48 -4.49 6.76
CA ILE A 34 12.47 -4.33 5.72
C ILE A 34 13.12 -3.97 4.39
N PRO A 35 12.49 -4.39 3.29
CA PRO A 35 12.98 -4.12 1.93
C PRO A 35 12.85 -2.65 1.56
N THR A 36 13.94 -1.90 1.70
CA THR A 36 13.94 -0.48 1.37
C THR A 36 13.38 -0.23 -0.03
N GLU A 37 13.77 -1.09 -0.97
CA GLU A 37 13.30 -0.96 -2.35
C GLU A 37 11.78 -0.91 -2.41
N LEU A 38 11.14 -1.69 -1.54
CA LEU A 38 9.69 -1.73 -1.49
C LEU A 38 9.12 -0.56 -0.69
N LEU A 39 9.84 -0.16 0.35
CA LEU A 39 9.43 0.94 1.20
C LEU A 39 9.27 2.22 0.38
N ASN A 40 10.30 2.58 -0.37
CA ASN A 40 10.27 3.77 -1.20
C ASN A 40 9.15 3.69 -2.23
N LYS A 41 8.87 2.48 -2.70
CA LYS A 41 7.82 2.26 -3.70
C LYS A 41 6.47 2.73 -3.16
N TRP A 42 6.22 2.49 -1.88
CA TRP A 42 4.97 2.89 -1.25
C TRP A 42 4.78 4.40 -1.32
N LYS A 43 5.79 5.14 -0.87
CA LYS A 43 5.74 6.60 -0.89
C LYS A 43 5.75 7.13 -2.32
N GLN A 44 6.41 6.39 -3.21
CA GLN A 44 6.49 6.79 -4.61
C GLN A 44 5.12 6.85 -5.24
N HIS A 45 4.31 5.81 -5.01
CA HIS A 45 2.97 5.75 -5.56
C HIS A 45 1.92 5.76 -4.45
N LYS A 46 2.16 6.57 -3.43
CA LYS A 46 1.24 6.66 -2.30
C LYS A 46 -0.18 6.93 -2.78
N GLN A 47 -0.36 8.00 -3.55
CA GLN A 47 -1.67 8.36 -4.07
C GLN A 47 -2.27 7.21 -4.87
N GLU A 48 -1.41 6.47 -5.57
CA GLU A 48 -1.87 5.34 -6.38
C GLU A 48 -2.32 4.19 -5.50
N LEU A 49 -1.62 3.99 -4.39
CA LEU A 49 -1.96 2.92 -3.46
C LEU A 49 -3.22 3.26 -2.66
N ILE A 50 -3.29 4.49 -2.17
CA ILE A 50 -4.44 4.94 -1.39
C ILE A 50 -5.74 4.68 -2.14
N ASP A 51 -5.79 5.11 -3.40
CA ASP A 51 -6.98 4.91 -4.22
C ASP A 51 -7.33 3.43 -4.33
N PHE A 52 -6.31 2.58 -4.24
CA PHE A 52 -6.51 1.13 -4.33
C PHE A 52 -7.07 0.59 -3.02
N LEU A 53 -6.41 0.92 -1.92
CA LEU A 53 -6.85 0.46 -0.60
C LEU A 53 -8.21 1.04 -0.24
N ASN A 54 -8.47 2.26 -0.70
CA ASN A 54 -9.74 2.93 -0.43
C ASN A 54 -10.87 2.29 -1.21
N GLN A 55 -10.64 2.07 -2.51
CA GLN A 55 -11.65 1.46 -3.37
C GLN A 55 -11.72 -0.04 -3.14
N LEU A 56 -10.81 -0.56 -2.33
CA LEU A 56 -10.78 -1.99 -2.03
C LEU A 56 -11.77 -2.34 -0.94
N ASP A 57 -11.99 -1.40 -0.02
CA ASP A 57 -12.92 -1.60 1.09
C ASP A 57 -14.16 -0.72 0.92
N SER A 58 -13.97 0.45 0.30
CA SER A 58 -15.06 1.38 0.09
C SER A 58 -15.61 1.27 -1.32
N GLU A 59 -14.73 0.99 -2.27
CA GLU A 59 -15.12 0.85 -3.67
C GLU A 59 -16.13 1.93 -4.06
N GLU A 60 -15.98 3.12 -3.49
CA GLU A 60 -16.87 4.22 -3.78
C GLU A 60 -16.11 5.54 -3.80
N GLN A 61 -14.78 5.46 -3.78
CA GLN A 61 -13.95 6.66 -3.80
C GLN A 61 -13.21 6.78 -5.13
N THR A 62 -13.87 6.36 -6.21
CA THR A 62 -13.28 6.43 -7.54
C THR A 62 -12.88 7.86 -7.90
N LYS A 63 -12.00 8.00 -8.88
CA LYS A 63 -11.54 9.31 -9.32
C LYS A 63 -11.64 9.44 -10.84
N GLY A 1 4.81 1.35 -15.67
CA GLY A 1 3.74 1.86 -14.83
C GLY A 1 3.71 1.11 -13.52
N ILE A 2 2.58 1.14 -12.82
CA ILE A 2 2.42 0.46 -11.55
C ILE A 2 0.99 0.02 -11.33
N ASP A 3 0.84 -1.04 -10.54
CA ASP A 3 -0.42 -1.61 -10.16
C ASP A 3 -0.34 -1.58 -8.65
N ALA A 4 -1.23 -0.83 -8.06
CA ALA A 4 -1.31 -0.70 -6.62
C ALA A 4 -1.57 -2.10 -6.03
N ALA A 5 -2.34 -2.94 -6.73
CA ALA A 5 -2.63 -4.29 -6.26
C ALA A 5 -1.35 -5.09 -6.16
N GLN A 6 -0.42 -4.90 -7.11
CA GLN A 6 0.86 -5.61 -7.09
C GLN A 6 1.67 -5.15 -5.88
N ILE A 7 1.64 -3.85 -5.55
CA ILE A 7 2.40 -3.36 -4.40
C ILE A 7 1.83 -3.97 -3.11
N VAL A 8 0.51 -4.12 -3.00
CA VAL A 8 -0.12 -4.70 -1.83
C VAL A 8 0.24 -6.19 -1.73
N ASP A 9 0.31 -6.88 -2.86
CA ASP A 9 0.62 -8.31 -2.99
C ASP A 9 2.07 -8.61 -2.61
N GLU A 10 3.02 -7.81 -3.09
CA GLU A 10 4.44 -7.98 -2.79
C GLU A 10 4.71 -7.57 -1.34
N ALA A 11 4.02 -6.55 -0.82
CA ALA A 11 4.23 -6.13 0.55
C ALA A 11 3.74 -7.26 1.46
N LEU A 12 2.59 -7.87 1.14
CA LEU A 12 2.04 -8.97 1.93
C LEU A 12 2.97 -10.18 1.88
N GLU A 13 3.68 -10.39 0.78
CA GLU A 13 4.60 -11.53 0.65
C GLU A 13 5.73 -11.38 1.66
N GLN A 14 6.12 -10.14 1.96
CA GLN A 14 7.18 -9.84 2.90
C GLN A 14 6.66 -9.79 4.34
N GLY A 15 5.34 -9.80 4.55
CA GLY A 15 4.71 -9.75 5.86
C GLY A 15 4.32 -8.33 6.23
N ILE A 16 3.95 -7.50 5.27
CA ILE A 16 3.56 -6.12 5.50
C ILE A 16 2.19 -5.87 4.91
N THR A 17 1.25 -5.58 5.79
CA THR A 17 -0.12 -5.28 5.43
C THR A 17 -0.17 -3.80 5.06
N LEU A 18 -0.97 -3.44 4.06
CA LEU A 18 -1.21 -2.08 3.59
C LEU A 18 -2.67 -1.75 3.85
N PHE A 19 -2.96 -0.48 4.09
CA PHE A 19 -4.31 0.04 4.36
C PHE A 19 -4.27 1.57 4.41
N VAL A 20 -5.42 2.22 4.55
CA VAL A 20 -5.50 3.67 4.63
C VAL A 20 -6.35 4.02 5.86
N VAL A 21 -6.01 5.14 6.50
CA VAL A 21 -6.71 5.65 7.67
C VAL A 21 -6.86 7.16 7.46
N ASN A 22 -8.10 7.62 7.34
CA ASN A 22 -8.49 9.02 7.11
C ASN A 22 -7.74 9.57 5.89
N ASN A 23 -7.74 8.80 4.80
CA ASN A 23 -7.09 9.05 3.51
C ASN A 23 -5.55 9.08 3.57
N ARG A 24 -4.97 8.76 4.73
CA ARG A 24 -3.52 8.74 4.94
C ARG A 24 -3.06 7.30 4.85
N LEU A 25 -2.09 7.01 3.97
CA LEU A 25 -1.56 5.67 3.75
C LEU A 25 -0.86 5.11 4.99
N GLN A 26 -1.26 3.91 5.41
CA GLN A 26 -0.72 3.19 6.55
C GLN A 26 -0.28 1.78 6.15
N TYR A 27 0.46 1.13 7.04
CA TYR A 27 0.95 -0.22 6.88
C TYR A 27 1.17 -0.78 8.27
N GLU A 28 1.17 -2.09 8.40
CA GLU A 28 1.37 -2.77 9.64
C GLU A 28 2.25 -3.98 9.38
N THR A 29 3.31 -4.09 10.17
CA THR A 29 4.26 -5.18 10.10
C THR A 29 5.06 -5.19 11.41
N SER A 30 5.63 -6.33 11.75
CA SER A 30 6.42 -6.55 12.95
C SER A 30 7.65 -7.39 12.63
N ARG A 31 8.33 -7.06 11.53
CA ARG A 31 9.51 -7.76 11.05
C ARG A 31 10.66 -6.80 10.83
N ASP A 32 11.89 -7.29 10.95
CA ASP A 32 13.11 -6.51 10.79
C ASP A 32 13.52 -6.49 9.31
N SER A 33 14.57 -5.72 9.02
CA SER A 33 15.22 -5.49 7.74
C SER A 33 14.27 -5.40 6.55
N ILE A 34 13.24 -4.54 6.66
CA ILE A 34 12.29 -4.34 5.58
C ILE A 34 13.06 -3.94 4.32
N PRO A 35 12.64 -4.43 3.14
CA PRO A 35 13.28 -4.09 1.90
C PRO A 35 13.03 -2.61 1.63
N THR A 36 14.05 -1.79 1.80
CA THR A 36 14.02 -0.34 1.62
C THR A 36 13.56 0.04 0.20
N GLU A 37 13.71 -0.87 -0.75
CA GLU A 37 13.30 -0.74 -2.15
C GLU A 37 11.77 -0.70 -2.25
N LEU A 38 11.08 -1.67 -1.64
CA LEU A 38 9.61 -1.72 -1.66
C LEU A 38 9.08 -0.61 -0.75
N LEU A 39 9.78 -0.33 0.36
CA LEU A 39 9.41 0.74 1.30
C LEU A 39 9.36 2.06 0.50
N ASN A 40 10.37 2.26 -0.35
CA ASN A 40 10.48 3.42 -1.23
C ASN A 40 9.32 3.41 -2.22
N LYS A 41 9.01 2.25 -2.82
CA LYS A 41 7.91 2.14 -3.77
C LYS A 41 6.60 2.63 -3.15
N TRP A 42 6.35 2.40 -1.86
CA TRP A 42 5.13 2.87 -1.23
C TRP A 42 5.02 4.39 -1.27
N LYS A 43 6.10 5.09 -0.91
CA LYS A 43 6.08 6.55 -0.92
C LYS A 43 6.12 7.10 -2.35
N GLN A 44 6.65 6.34 -3.32
CA GLN A 44 6.74 6.72 -4.73
C GLN A 44 5.33 6.79 -5.32
N HIS A 45 4.44 5.86 -4.99
CA HIS A 45 3.06 5.82 -5.52
C HIS A 45 2.01 5.97 -4.43
N LYS A 46 2.23 6.87 -3.45
CA LYS A 46 1.31 7.08 -2.34
C LYS A 46 -0.14 7.26 -2.80
N GLN A 47 -0.45 8.30 -3.58
CA GLN A 47 -1.81 8.54 -4.03
C GLN A 47 -2.40 7.38 -4.83
N GLU A 48 -1.58 6.66 -5.60
CA GLU A 48 -2.05 5.53 -6.41
C GLU A 48 -2.45 4.37 -5.50
N LEU A 49 -1.66 4.11 -4.45
CA LEU A 49 -1.93 3.05 -3.49
C LEU A 49 -3.15 3.41 -2.68
N ILE A 50 -3.24 4.66 -2.23
CA ILE A 50 -4.38 5.12 -1.44
C ILE A 50 -5.64 4.84 -2.23
N ASP A 51 -5.68 5.28 -3.48
CA ASP A 51 -6.82 5.10 -4.36
C ASP A 51 -7.28 3.66 -4.38
N PHE A 52 -6.32 2.73 -4.39
CA PHE A 52 -6.58 1.30 -4.41
C PHE A 52 -7.06 0.78 -3.05
N LEU A 53 -6.28 0.98 -1.98
CA LEU A 53 -6.63 0.52 -0.64
C LEU A 53 -7.97 1.09 -0.18
N ASN A 54 -8.37 2.24 -0.72
CA ASN A 54 -9.63 2.86 -0.38
C ASN A 54 -10.73 2.14 -1.14
N GLN A 55 -10.67 2.09 -2.48
CA GLN A 55 -11.69 1.40 -3.26
C GLN A 55 -11.76 -0.11 -2.97
N LEU A 56 -10.70 -0.69 -2.41
CA LEU A 56 -10.61 -2.11 -2.07
C LEU A 56 -11.62 -2.48 -0.98
N ASP A 57 -12.07 -1.52 -0.17
CA ASP A 57 -13.02 -1.77 0.91
C ASP A 57 -14.19 -0.79 0.90
N SER A 58 -13.94 0.48 0.59
CA SER A 58 -14.95 1.53 0.52
C SER A 58 -15.70 1.45 -0.81
N GLU A 59 -14.99 1.08 -1.89
CA GLU A 59 -15.43 0.94 -3.28
C GLU A 59 -16.08 2.17 -3.91
N GLU A 60 -16.22 3.28 -3.18
CA GLU A 60 -16.82 4.50 -3.66
C GLU A 60 -15.77 5.39 -4.31
N GLN A 61 -14.83 5.89 -3.50
CA GLN A 61 -13.77 6.78 -3.92
C GLN A 61 -12.72 6.09 -4.81
N THR A 62 -12.91 6.14 -6.12
CA THR A 62 -12.01 5.58 -7.11
C THR A 62 -11.13 6.69 -7.72
N LYS A 63 -11.11 7.88 -7.12
CA LYS A 63 -10.33 9.04 -7.50
C LYS A 63 -10.23 9.93 -6.28
N GLY A 1 3.37 1.70 -16.28
CA GLY A 1 3.06 2.52 -15.10
C GLY A 1 3.46 1.77 -13.87
N ILE A 2 2.49 1.56 -12.97
CA ILE A 2 2.60 0.83 -11.72
C ILE A 2 1.17 0.35 -11.44
N ASP A 3 1.04 -0.76 -10.72
CA ASP A 3 -0.23 -1.35 -10.39
C ASP A 3 -0.24 -1.45 -8.88
N ALA A 4 -1.18 -0.77 -8.24
CA ALA A 4 -1.29 -0.74 -6.78
C ALA A 4 -1.45 -2.14 -6.18
N ALA A 5 -2.25 -3.01 -6.80
CA ALA A 5 -2.47 -4.37 -6.30
C ALA A 5 -1.18 -5.16 -6.27
N GLN A 6 -0.34 -4.96 -7.28
CA GLN A 6 0.94 -5.63 -7.39
C GLN A 6 1.81 -5.21 -6.20
N ILE A 7 1.77 -3.94 -5.80
CA ILE A 7 2.55 -3.43 -4.67
C ILE A 7 2.03 -4.01 -3.35
N VAL A 8 0.71 -4.09 -3.19
CA VAL A 8 0.12 -4.62 -1.96
C VAL A 8 0.48 -6.10 -1.82
N ASP A 9 0.40 -6.85 -2.91
CA ASP A 9 0.69 -8.28 -2.92
C ASP A 9 2.14 -8.54 -2.50
N GLU A 10 3.11 -7.89 -3.15
CA GLU A 10 4.51 -8.08 -2.78
C GLU A 10 4.80 -7.57 -1.38
N ALA A 11 4.09 -6.55 -0.89
CA ALA A 11 4.32 -6.06 0.46
C ALA A 11 3.87 -7.13 1.45
N LEU A 12 2.72 -7.76 1.17
CA LEU A 12 2.17 -8.81 2.00
C LEU A 12 3.11 -10.01 2.01
N GLU A 13 3.82 -10.27 0.92
CA GLU A 13 4.77 -11.39 0.82
C GLU A 13 5.94 -11.23 1.79
N GLN A 14 6.24 -10.01 2.24
CA GLN A 14 7.32 -9.77 3.21
C GLN A 14 6.70 -9.68 4.62
N GLY A 15 5.37 -9.74 4.72
CA GLY A 15 4.62 -9.67 5.97
C GLY A 15 4.15 -8.25 6.26
N ILE A 16 4.12 -7.34 5.28
CA ILE A 16 3.69 -5.96 5.48
C ILE A 16 2.29 -5.73 4.94
N THR A 17 1.41 -5.29 5.82
CA THR A 17 0.02 -4.98 5.57
C THR A 17 -0.09 -3.53 5.12
N LEU A 18 -0.84 -3.29 4.04
CA LEU A 18 -1.08 -1.96 3.50
C LEU A 18 -2.54 -1.62 3.76
N PHE A 19 -2.80 -0.35 4.06
CA PHE A 19 -4.11 0.20 4.34
C PHE A 19 -4.00 1.71 4.29
N VAL A 20 -5.12 2.38 4.53
CA VAL A 20 -5.24 3.82 4.56
C VAL A 20 -6.14 4.10 5.74
N VAL A 21 -5.80 5.07 6.56
CA VAL A 21 -6.58 5.47 7.73
C VAL A 21 -6.66 6.99 7.67
N ASN A 22 -7.85 7.58 7.94
CA ASN A 22 -8.05 9.03 7.89
C ASN A 22 -7.53 9.62 6.56
N ASN A 23 -7.67 8.88 5.45
CA ASN A 23 -7.24 9.20 4.08
C ASN A 23 -5.70 9.41 3.98
N ARG A 24 -4.93 8.67 4.77
CA ARG A 24 -3.47 8.70 4.82
C ARG A 24 -2.96 7.27 4.74
N LEU A 25 -2.04 7.01 3.80
CA LEU A 25 -1.46 5.69 3.57
C LEU A 25 -0.57 5.33 4.75
N GLN A 26 -0.86 4.22 5.44
CA GLN A 26 -0.09 3.71 6.58
C GLN A 26 0.09 2.20 6.38
N TYR A 27 1.04 1.55 7.07
CA TYR A 27 1.31 0.12 6.97
C TYR A 27 1.63 -0.44 8.35
N GLU A 28 1.53 -1.76 8.49
CA GLU A 28 1.78 -2.48 9.72
C GLU A 28 2.47 -3.81 9.42
N THR A 29 3.44 -4.21 10.25
CA THR A 29 4.17 -5.46 10.09
C THR A 29 4.88 -5.79 11.42
N SER A 30 5.34 -7.03 11.59
CA SER A 30 6.04 -7.50 12.78
C SER A 30 7.23 -8.36 12.37
N ARG A 31 8.30 -7.69 11.92
CA ARG A 31 9.57 -8.28 11.48
C ARG A 31 10.65 -7.23 11.61
N ASP A 32 11.81 -7.50 11.01
CA ASP A 32 12.99 -6.65 10.97
C ASP A 32 13.35 -6.44 9.50
N SER A 33 14.25 -5.49 9.28
CA SER A 33 14.81 -5.05 8.02
C SER A 33 13.87 -5.21 6.82
N ILE A 34 12.93 -4.29 6.69
CA ILE A 34 11.98 -4.28 5.57
C ILE A 34 12.78 -3.94 4.32
N PRO A 35 12.44 -4.53 3.16
CA PRO A 35 13.12 -4.24 1.91
C PRO A 35 12.87 -2.75 1.57
N THR A 36 13.91 -1.93 1.74
CA THR A 36 13.89 -0.49 1.51
C THR A 36 13.34 -0.13 0.12
N GLU A 37 13.61 -0.94 -0.91
CA GLU A 37 13.15 -0.73 -2.27
C GLU A 37 11.61 -0.68 -2.29
N LEU A 38 10.98 -1.68 -1.69
CA LEU A 38 9.53 -1.84 -1.58
C LEU A 38 8.96 -0.71 -0.72
N LEU A 39 9.66 -0.37 0.37
CA LEU A 39 9.28 0.70 1.29
C LEU A 39 9.16 2.00 0.49
N ASN A 40 10.20 2.32 -0.28
CA ASN A 40 10.28 3.51 -1.12
C ASN A 40 9.16 3.48 -2.17
N LYS A 41 8.84 2.31 -2.72
CA LYS A 41 7.78 2.16 -3.71
C LYS A 41 6.45 2.68 -3.17
N TRP A 42 6.15 2.41 -1.90
CA TRP A 42 4.92 2.88 -1.28
C TRP A 42 4.80 4.40 -1.36
N LYS A 43 5.83 5.13 -0.94
CA LYS A 43 5.78 6.59 -0.99
C LYS A 43 5.85 7.09 -2.43
N GLN A 44 6.52 6.38 -3.33
CA GLN A 44 6.63 6.76 -4.73
C GLN A 44 5.25 6.84 -5.37
N HIS A 45 4.35 5.90 -5.05
CA HIS A 45 3.01 5.82 -5.61
C HIS A 45 1.91 5.96 -4.54
N LYS A 46 2.11 6.85 -3.56
CA LYS A 46 1.16 7.05 -2.47
C LYS A 46 -0.28 7.21 -2.92
N GLN A 47 -0.61 8.17 -3.79
CA GLN A 47 -1.99 8.37 -4.22
C GLN A 47 -2.54 7.11 -4.85
N GLU A 48 -1.80 6.54 -5.79
CA GLU A 48 -2.16 5.34 -6.53
C GLU A 48 -2.58 4.22 -5.58
N LEU A 49 -1.76 3.97 -4.56
CA LEU A 49 -2.02 2.95 -3.56
C LEU A 49 -3.23 3.31 -2.73
N ILE A 50 -3.34 4.57 -2.28
CA ILE A 50 -4.49 4.98 -1.48
C ILE A 50 -5.75 4.69 -2.23
N ASP A 51 -5.82 5.15 -3.47
CA ASP A 51 -6.96 4.98 -4.33
C ASP A 51 -7.37 3.53 -4.40
N PHE A 52 -6.39 2.62 -4.45
CA PHE A 52 -6.60 1.18 -4.53
C PHE A 52 -7.14 0.63 -3.21
N LEU A 53 -6.47 0.91 -2.09
CA LEU A 53 -6.85 0.48 -0.75
C LEU A 53 -8.24 1.05 -0.41
N ASN A 54 -8.57 2.21 -0.95
CA ASN A 54 -9.85 2.88 -0.75
C ASN A 54 -10.94 2.14 -1.54
N GLN A 55 -10.74 1.98 -2.86
CA GLN A 55 -11.71 1.28 -3.70
C GLN A 55 -11.79 -0.23 -3.41
N LEU A 56 -10.96 -0.77 -2.51
CA LEU A 56 -10.98 -2.17 -2.12
C LEU A 56 -11.91 -2.33 -0.92
N ASP A 57 -11.75 -1.47 0.08
CA ASP A 57 -12.53 -1.52 1.31
C ASP A 57 -13.85 -0.77 1.24
N SER A 58 -13.91 0.36 0.52
CA SER A 58 -15.11 1.19 0.39
C SER A 58 -15.76 1.09 -1.01
N GLU A 59 -15.00 0.65 -2.03
CA GLU A 59 -15.40 0.47 -3.43
C GLU A 59 -16.18 1.62 -4.08
N GLU A 60 -16.11 2.85 -3.55
CA GLU A 60 -16.87 3.99 -4.09
C GLU A 60 -16.13 5.26 -4.50
N GLN A 61 -14.82 5.39 -4.24
CA GLN A 61 -14.08 6.60 -4.59
C GLN A 61 -12.72 6.25 -5.17
N THR A 62 -12.61 6.35 -6.50
CA THR A 62 -11.40 6.07 -7.25
C THR A 62 -11.19 7.21 -8.24
N LYS A 63 -9.93 7.54 -8.52
CA LYS A 63 -9.52 8.59 -9.44
C LYS A 63 -8.15 8.23 -9.97
N GLY A 1 3.26 0.95 -16.14
CA GLY A 1 4.08 1.73 -15.20
C GLY A 1 4.14 0.99 -13.89
N ILE A 2 3.10 1.15 -13.07
CA ILE A 2 2.96 0.50 -11.77
C ILE A 2 1.50 0.07 -11.66
N ASP A 3 1.22 -0.90 -10.79
CA ASP A 3 -0.09 -1.44 -10.53
C ASP A 3 -0.17 -1.42 -9.00
N ALA A 4 -1.05 -0.61 -8.43
CA ALA A 4 -1.21 -0.45 -6.99
C ALA A 4 -1.44 -1.79 -6.30
N ALA A 5 -2.27 -2.64 -6.89
CA ALA A 5 -2.56 -3.95 -6.32
C ALA A 5 -1.30 -4.82 -6.27
N GLN A 6 -0.44 -4.74 -7.29
CA GLN A 6 0.79 -5.53 -7.30
C GLN A 6 1.67 -5.11 -6.13
N ILE A 7 1.61 -3.83 -5.73
CA ILE A 7 2.40 -3.34 -4.61
C ILE A 7 1.85 -3.94 -3.31
N VAL A 8 0.51 -4.02 -3.15
CA VAL A 8 -0.08 -4.59 -1.94
C VAL A 8 0.35 -6.06 -1.81
N ASP A 9 0.33 -6.80 -2.92
CA ASP A 9 0.69 -8.21 -2.98
C ASP A 9 2.12 -8.49 -2.51
N GLU A 10 3.11 -7.90 -3.16
CA GLU A 10 4.51 -8.11 -2.83
C GLU A 10 4.81 -7.75 -1.36
N ALA A 11 4.13 -6.75 -0.79
CA ALA A 11 4.36 -6.36 0.59
C ALA A 11 3.83 -7.47 1.52
N LEU A 12 2.69 -8.07 1.19
CA LEU A 12 2.08 -9.12 2.00
C LEU A 12 3.00 -10.34 2.02
N GLU A 13 3.75 -10.58 0.94
CA GLU A 13 4.67 -11.71 0.85
C GLU A 13 5.82 -11.58 1.84
N GLN A 14 6.09 -10.37 2.34
CA GLN A 14 7.15 -10.08 3.29
C GLN A 14 6.55 -9.92 4.71
N GLY A 15 5.22 -9.91 4.83
CA GLY A 15 4.52 -9.76 6.09
C GLY A 15 4.07 -8.33 6.36
N ILE A 16 4.06 -7.46 5.34
CA ILE A 16 3.65 -6.07 5.50
C ILE A 16 2.26 -5.86 4.91
N THR A 17 1.34 -5.45 5.79
CA THR A 17 -0.04 -5.17 5.45
C THR A 17 -0.15 -3.69 5.08
N LEU A 18 -0.85 -3.38 3.98
CA LEU A 18 -1.08 -2.03 3.48
C LEU A 18 -2.55 -1.69 3.67
N PHE A 19 -2.85 -0.43 3.99
CA PHE A 19 -4.20 0.08 4.23
C PHE A 19 -4.17 1.62 4.26
N VAL A 20 -5.34 2.25 4.44
CA VAL A 20 -5.47 3.71 4.52
C VAL A 20 -6.36 4.03 5.70
N VAL A 21 -6.01 5.05 6.48
CA VAL A 21 -6.81 5.49 7.64
C VAL A 21 -6.84 7.01 7.55
N ASN A 22 -8.02 7.62 7.57
CA ASN A 22 -8.25 9.06 7.48
C ASN A 22 -7.44 9.65 6.32
N ASN A 23 -7.54 9.01 5.14
CA ASN A 23 -6.86 9.35 3.89
C ASN A 23 -5.32 9.36 3.97
N ARG A 24 -4.73 8.68 4.95
CA ARG A 24 -3.28 8.59 5.13
C ARG A 24 -2.88 7.15 4.88
N LEU A 25 -1.87 6.93 4.04
CA LEU A 25 -1.38 5.60 3.70
C LEU A 25 -0.65 5.06 4.93
N GLN A 26 -1.12 3.95 5.48
CA GLN A 26 -0.53 3.32 6.65
C GLN A 26 -0.19 1.86 6.34
N TYR A 27 0.75 1.31 7.10
CA TYR A 27 1.18 -0.06 6.97
C TYR A 27 1.57 -0.57 8.35
N GLU A 28 1.50 -1.88 8.52
CA GLU A 28 1.83 -2.55 9.76
C GLU A 28 2.50 -3.88 9.44
N THR A 29 3.46 -4.25 10.27
CA THR A 29 4.23 -5.47 10.20
C THR A 29 4.94 -5.66 11.54
N SER A 30 5.49 -6.85 11.75
CA SER A 30 6.23 -7.27 12.94
C SER A 30 7.43 -8.08 12.45
N ARG A 31 8.47 -7.36 12.04
CA ARG A 31 9.73 -7.88 11.51
C ARG A 31 10.77 -6.76 11.59
N ASP A 32 11.90 -6.94 10.91
CA ASP A 32 13.01 -6.01 10.80
C ASP A 32 13.58 -6.16 9.39
N SER A 33 14.62 -5.38 9.06
CA SER A 33 15.30 -5.37 7.77
C SER A 33 14.28 -5.28 6.60
N ILE A 34 13.34 -4.32 6.67
CA ILE A 34 12.35 -4.15 5.61
C ILE A 34 13.09 -3.73 4.33
N PRO A 35 12.74 -4.33 3.19
CA PRO A 35 13.32 -4.01 1.90
C PRO A 35 13.01 -2.55 1.58
N THR A 36 14.02 -1.68 1.63
CA THR A 36 13.85 -0.27 1.34
C THR A 36 13.30 -0.06 -0.07
N GLU A 37 13.52 -0.97 -1.03
CA GLU A 37 12.99 -0.84 -2.38
C GLU A 37 11.46 -0.79 -2.32
N LEU A 38 10.86 -1.68 -1.51
CA LEU A 38 9.42 -1.75 -1.34
C LEU A 38 8.95 -0.53 -0.57
N LEU A 39 9.66 -0.16 0.50
CA LEU A 39 9.33 0.99 1.33
C LEU A 39 9.23 2.24 0.44
N ASN A 40 10.25 2.45 -0.39
CA ASN A 40 10.37 3.54 -1.36
C ASN A 40 9.18 3.47 -2.31
N LYS A 41 8.87 2.29 -2.84
CA LYS A 41 7.76 2.09 -3.77
C LYS A 41 6.46 2.58 -3.15
N TRP A 42 6.20 2.30 -1.87
CA TRP A 42 4.98 2.74 -1.22
C TRP A 42 4.87 4.26 -1.23
N LYS A 43 5.93 4.97 -0.81
CA LYS A 43 5.92 6.43 -0.77
C LYS A 43 5.96 7.05 -2.16
N GLN A 44 6.47 6.34 -3.16
CA GLN A 44 6.59 6.78 -4.55
C GLN A 44 5.21 6.91 -5.19
N HIS A 45 4.40 5.86 -5.06
CA HIS A 45 3.05 5.75 -5.62
C HIS A 45 1.98 5.87 -4.54
N LYS A 46 2.20 6.75 -3.55
CA LYS A 46 1.28 6.98 -2.44
C LYS A 46 -0.16 7.13 -2.88
N GLN A 47 -0.45 8.10 -3.74
CA GLN A 47 -1.82 8.33 -4.18
C GLN A 47 -2.42 7.12 -4.86
N GLU A 48 -1.65 6.49 -5.74
CA GLU A 48 -2.09 5.32 -6.50
C GLU A 48 -2.54 4.21 -5.55
N LEU A 49 -1.72 3.94 -4.54
CA LEU A 49 -1.98 2.93 -3.53
C LEU A 49 -3.20 3.29 -2.72
N ILE A 50 -3.27 4.52 -2.23
CA ILE A 50 -4.41 4.94 -1.45
C ILE A 50 -5.69 4.69 -2.20
N ASP A 51 -5.77 5.19 -3.43
CA ASP A 51 -6.94 5.04 -4.26
C ASP A 51 -7.37 3.58 -4.36
N PHE A 52 -6.38 2.67 -4.45
CA PHE A 52 -6.61 1.24 -4.56
C PHE A 52 -7.12 0.66 -3.25
N LEU A 53 -6.41 0.88 -2.14
CA LEU A 53 -6.79 0.39 -0.81
C LEU A 53 -8.13 1.00 -0.39
N ASN A 54 -8.47 2.19 -0.89
CA ASN A 54 -9.71 2.86 -0.56
C ASN A 54 -10.84 2.21 -1.32
N GLN A 55 -10.74 2.09 -2.64
CA GLN A 55 -11.79 1.46 -3.44
C GLN A 55 -11.93 -0.02 -3.10
N LEU A 56 -10.93 -0.65 -2.46
CA LEU A 56 -10.98 -2.06 -2.10
C LEU A 56 -12.11 -2.28 -1.08
N ASP A 57 -12.26 -1.35 -0.14
CA ASP A 57 -13.27 -1.42 0.90
C ASP A 57 -14.45 -0.50 0.64
N SER A 58 -14.18 0.79 0.41
CA SER A 58 -15.20 1.78 0.14
C SER A 58 -15.93 1.49 -1.16
N GLU A 59 -15.26 0.86 -2.16
CA GLU A 59 -15.80 0.53 -3.48
C GLU A 59 -16.56 1.70 -4.11
N GLU A 60 -16.16 2.94 -3.77
CA GLU A 60 -16.79 4.17 -4.23
C GLU A 60 -15.81 5.30 -4.56
N GLN A 61 -14.56 5.29 -4.06
CA GLN A 61 -13.64 6.38 -4.36
C GLN A 61 -13.37 6.53 -5.87
N THR A 62 -13.30 5.39 -6.57
CA THR A 62 -13.08 5.28 -7.99
C THR A 62 -13.92 4.09 -8.42
N LYS A 63 -14.69 4.27 -9.50
CA LYS A 63 -15.59 3.32 -10.11
C LYS A 63 -15.63 3.61 -11.60
N GLY A 1 3.61 1.95 -16.32
CA GLY A 1 3.51 2.61 -15.02
C GLY A 1 3.75 1.62 -13.89
N ILE A 2 2.79 1.52 -12.98
CA ILE A 2 2.79 0.66 -11.80
C ILE A 2 1.38 0.13 -11.60
N ASP A 3 1.25 -0.86 -10.75
CA ASP A 3 -0.03 -1.46 -10.43
C ASP A 3 -0.04 -1.43 -8.91
N ALA A 4 -1.01 -0.71 -8.37
CA ALA A 4 -1.16 -0.56 -6.94
C ALA A 4 -1.37 -1.94 -6.30
N ALA A 5 -2.07 -2.84 -6.98
CA ALA A 5 -2.33 -4.19 -6.51
C ALA A 5 -1.04 -5.00 -6.42
N GLN A 6 -0.13 -4.82 -7.40
CA GLN A 6 1.14 -5.53 -7.44
C GLN A 6 1.99 -5.18 -6.22
N ILE A 7 1.91 -3.93 -5.76
CA ILE A 7 2.67 -3.48 -4.60
C ILE A 7 2.06 -4.07 -3.32
N VAL A 8 0.73 -4.19 -3.26
CA VAL A 8 0.05 -4.75 -2.08
C VAL A 8 0.39 -6.24 -1.97
N ASP A 9 0.37 -6.96 -3.08
CA ASP A 9 0.67 -8.40 -3.15
C ASP A 9 2.05 -8.67 -2.57
N GLU A 10 3.09 -8.06 -3.14
CA GLU A 10 4.45 -8.26 -2.66
C GLU A 10 4.61 -7.83 -1.21
N ALA A 11 3.93 -6.75 -0.78
CA ALA A 11 4.05 -6.29 0.60
C ALA A 11 3.45 -7.36 1.52
N LEU A 12 2.31 -7.94 1.13
CA LEU A 12 1.64 -8.97 1.92
C LEU A 12 2.46 -10.25 1.98
N GLU A 13 3.21 -10.55 0.92
CA GLU A 13 4.07 -11.74 0.86
C GLU A 13 5.26 -11.57 1.82
N GLN A 14 5.58 -10.32 2.15
CA GLN A 14 6.62 -9.93 3.07
C GLN A 14 6.01 -9.76 4.48
N GLY A 15 4.69 -9.87 4.63
CA GLY A 15 4.00 -9.75 5.91
C GLY A 15 3.80 -8.30 6.31
N ILE A 16 3.55 -7.42 5.33
CA ILE A 16 3.32 -6.01 5.53
C ILE A 16 1.97 -5.70 4.94
N THR A 17 1.00 -5.51 5.81
CA THR A 17 -0.34 -5.17 5.40
C THR A 17 -0.36 -3.68 5.16
N LEU A 18 -1.03 -3.26 4.09
CA LEU A 18 -1.23 -1.88 3.67
C LEU A 18 -2.68 -1.54 3.93
N PHE A 19 -2.93 -0.25 4.21
CA PHE A 19 -4.25 0.28 4.49
C PHE A 19 -4.17 1.80 4.50
N VAL A 20 -5.31 2.47 4.64
CA VAL A 20 -5.42 3.92 4.66
C VAL A 20 -6.29 4.29 5.86
N VAL A 21 -5.82 5.23 6.68
CA VAL A 21 -6.54 5.72 7.86
C VAL A 21 -6.73 7.21 7.67
N ASN A 22 -7.97 7.70 7.70
CA ASN A 22 -8.32 9.11 7.52
C ASN A 22 -7.67 9.70 6.27
N ASN A 23 -7.67 8.92 5.18
CA ASN A 23 -7.11 9.23 3.87
C ASN A 23 -5.58 9.33 3.89
N ARG A 24 -4.90 8.74 4.88
CA ARG A 24 -3.44 8.75 5.03
C ARG A 24 -2.94 7.32 4.92
N LEU A 25 -2.00 7.04 4.02
CA LEU A 25 -1.45 5.69 3.81
C LEU A 25 -0.67 5.21 5.05
N GLN A 26 -0.96 4.01 5.56
CA GLN A 26 -0.33 3.37 6.71
C GLN A 26 0.00 1.90 6.39
N TYR A 27 0.74 1.24 7.28
CA TYR A 27 1.12 -0.16 7.16
C TYR A 27 1.28 -0.80 8.53
N GLU A 28 1.20 -2.13 8.58
CA GLU A 28 1.29 -2.96 9.76
C GLU A 28 2.18 -4.15 9.43
N THR A 29 3.25 -4.32 10.20
CA THR A 29 4.19 -5.42 10.06
C THR A 29 4.97 -5.60 11.37
N SER A 30 5.74 -6.67 11.45
CA SER A 30 6.57 -7.06 12.59
C SER A 30 7.86 -7.75 12.12
N ARG A 31 8.71 -7.05 11.36
CA ARG A 31 9.99 -7.59 10.86
C ARG A 31 11.04 -6.50 10.79
N ASP A 32 12.30 -6.91 10.88
CA ASP A 32 13.48 -6.05 10.82
C ASP A 32 14.00 -6.09 9.38
N SER A 33 14.95 -5.21 9.05
CA SER A 33 15.59 -5.15 7.74
C SER A 33 14.58 -5.05 6.58
N ILE A 34 13.53 -4.22 6.73
CA ILE A 34 12.52 -4.07 5.69
C ILE A 34 13.18 -3.67 4.35
N PRO A 35 12.68 -4.22 3.23
CA PRO A 35 13.17 -3.95 1.89
C PRO A 35 12.98 -2.48 1.56
N THR A 36 14.08 -1.74 1.46
CA THR A 36 14.10 -0.33 1.15
C THR A 36 13.40 -0.09 -0.21
N GLU A 37 13.39 -1.08 -1.12
CA GLU A 37 12.73 -1.00 -2.41
C GLU A 37 11.23 -0.80 -2.20
N LEU A 38 10.55 -1.75 -1.54
CA LEU A 38 9.12 -1.69 -1.26
C LEU A 38 8.82 -0.46 -0.41
N LEU A 39 9.63 -0.22 0.62
CA LEU A 39 9.50 0.90 1.54
C LEU A 39 9.37 2.21 0.75
N ASN A 40 10.29 2.44 -0.18
CA ASN A 40 10.29 3.63 -1.01
C ASN A 40 9.17 3.58 -2.03
N LYS A 41 8.90 2.41 -2.64
CA LYS A 41 7.84 2.25 -3.63
C LYS A 41 6.51 2.74 -3.06
N TRP A 42 6.25 2.47 -1.78
CA TRP A 42 5.01 2.89 -1.12
C TRP A 42 4.88 4.42 -1.08
N LYS A 43 5.97 5.15 -0.84
CA LYS A 43 5.90 6.62 -0.82
C LYS A 43 5.92 7.16 -2.25
N GLN A 44 6.58 6.49 -3.18
CA GLN A 44 6.65 6.89 -4.58
C GLN A 44 5.23 6.93 -5.16
N HIS A 45 4.49 5.83 -5.03
CA HIS A 45 3.15 5.67 -5.55
C HIS A 45 2.07 5.80 -4.48
N LYS A 46 2.31 6.61 -3.45
CA LYS A 46 1.37 6.81 -2.34
C LYS A 46 -0.06 7.00 -2.83
N GLN A 47 -0.29 7.99 -3.71
CA GLN A 47 -1.62 8.28 -4.23
C GLN A 47 -2.29 7.05 -4.81
N GLU A 48 -1.62 6.39 -5.74
CA GLU A 48 -2.06 5.20 -6.47
C GLU A 48 -2.46 4.09 -5.49
N LEU A 49 -1.62 3.85 -4.48
CA LEU A 49 -1.86 2.83 -3.46
C LEU A 49 -3.11 3.19 -2.66
N ILE A 50 -3.21 4.44 -2.20
CA ILE A 50 -4.37 4.88 -1.42
C ILE A 50 -5.62 4.58 -2.19
N ASP A 51 -5.68 5.08 -3.41
CA ASP A 51 -6.77 4.95 -4.34
C ASP A 51 -7.22 3.49 -4.45
N PHE A 52 -6.27 2.55 -4.40
CA PHE A 52 -6.52 1.13 -4.48
C PHE A 52 -7.07 0.62 -3.14
N LEU A 53 -6.37 0.86 -2.02
CA LEU A 53 -6.80 0.43 -0.69
C LEU A 53 -8.18 1.01 -0.37
N ASN A 54 -8.48 2.17 -0.94
CA ASN A 54 -9.74 2.88 -0.76
C ASN A 54 -10.83 2.12 -1.50
N GLN A 55 -10.72 1.97 -2.82
CA GLN A 55 -11.71 1.28 -3.62
C GLN A 55 -11.86 -0.22 -3.24
N LEU A 56 -10.81 -0.80 -2.65
CA LEU A 56 -10.77 -2.19 -2.22
C LEU A 56 -11.74 -2.47 -1.08
N ASP A 57 -11.91 -1.53 -0.14
CA ASP A 57 -12.78 -1.73 1.03
C ASP A 57 -13.95 -0.75 1.12
N SER A 58 -13.73 0.50 0.72
CA SER A 58 -14.73 1.56 0.77
C SER A 58 -15.49 1.74 -0.55
N GLU A 59 -14.95 1.20 -1.66
CA GLU A 59 -15.49 1.21 -3.02
C GLU A 59 -16.24 2.50 -3.43
N GLU A 60 -15.75 3.68 -2.99
CA GLU A 60 -16.39 4.96 -3.28
C GLU A 60 -15.41 6.09 -3.67
N GLN A 61 -14.10 5.89 -3.58
CA GLN A 61 -13.11 6.94 -3.92
C GLN A 61 -12.30 6.59 -5.16
N THR A 62 -12.94 5.86 -6.07
CA THR A 62 -12.43 5.42 -7.34
C THR A 62 -12.25 6.69 -8.16
N LYS A 63 -10.99 7.10 -8.39
CA LYS A 63 -10.65 8.30 -9.14
C LYS A 63 -9.87 7.87 -10.36
N GLY A 1 4.77 1.13 -16.21
CA GLY A 1 3.79 1.70 -15.26
C GLY A 1 3.92 1.03 -13.91
N ILE A 2 2.84 1.03 -13.13
CA ILE A 2 2.75 0.41 -11.81
C ILE A 2 1.31 -0.03 -11.62
N ASP A 3 1.09 -0.85 -10.61
CA ASP A 3 -0.20 -1.37 -10.25
C ASP A 3 -0.16 -1.40 -8.74
N ALA A 4 -1.12 -0.74 -8.12
CA ALA A 4 -1.22 -0.69 -6.69
C ALA A 4 -1.44 -2.10 -6.14
N ALA A 5 -2.21 -2.93 -6.86
CA ALA A 5 -2.49 -4.30 -6.46
C ALA A 5 -1.20 -5.12 -6.37
N GLN A 6 -0.29 -4.92 -7.34
CA GLN A 6 0.99 -5.60 -7.38
C GLN A 6 1.81 -5.21 -6.14
N ILE A 7 1.77 -3.94 -5.73
CA ILE A 7 2.52 -3.45 -4.58
C ILE A 7 1.94 -4.04 -3.28
N VAL A 8 0.61 -4.16 -3.19
CA VAL A 8 -0.03 -4.72 -2.00
C VAL A 8 0.35 -6.20 -1.89
N ASP A 9 0.33 -6.93 -3.00
CA ASP A 9 0.64 -8.35 -3.09
C ASP A 9 2.04 -8.63 -2.55
N GLU A 10 3.06 -7.96 -3.11
CA GLU A 10 4.44 -8.13 -2.68
C GLU A 10 4.66 -7.68 -1.24
N ALA A 11 4.00 -6.61 -0.79
CA ALA A 11 4.18 -6.14 0.57
C ALA A 11 3.62 -7.20 1.53
N LEU A 12 2.49 -7.80 1.19
CA LEU A 12 1.86 -8.81 2.04
C LEU A 12 2.73 -10.05 2.11
N GLU A 13 3.43 -10.41 1.01
CA GLU A 13 4.31 -11.58 0.99
C GLU A 13 5.49 -11.36 1.92
N GLN A 14 5.90 -10.10 2.06
CA GLN A 14 7.00 -9.71 2.91
C GLN A 14 6.56 -9.56 4.37
N GLY A 15 5.27 -9.76 4.66
CA GLY A 15 4.68 -9.68 5.98
C GLY A 15 4.26 -8.25 6.35
N ILE A 16 3.94 -7.39 5.38
CA ILE A 16 3.54 -6.01 5.60
C ILE A 16 2.14 -5.76 5.05
N THR A 17 1.23 -5.37 5.93
CA THR A 17 -0.15 -5.05 5.61
C THR A 17 -0.23 -3.58 5.22
N LEU A 18 -0.93 -3.28 4.12
CA LEU A 18 -1.15 -1.92 3.63
C LEU A 18 -2.60 -1.56 3.83
N PHE A 19 -2.88 -0.28 4.09
CA PHE A 19 -4.24 0.21 4.32
C PHE A 19 -4.22 1.74 4.38
N VAL A 20 -5.37 2.40 4.52
CA VAL A 20 -5.49 3.85 4.60
C VAL A 20 -6.32 4.21 5.85
N VAL A 21 -5.82 5.18 6.62
CA VAL A 21 -6.45 5.68 7.84
C VAL A 21 -6.53 7.18 7.67
N ASN A 22 -7.75 7.72 7.72
CA ASN A 22 -8.08 9.13 7.56
C ASN A 22 -7.45 9.66 6.27
N ASN A 23 -7.56 8.92 5.16
CA ASN A 23 -6.99 9.29 3.87
C ASN A 23 -5.45 9.37 3.86
N ARG A 24 -4.75 8.79 4.84
CA ARG A 24 -3.29 8.75 4.95
C ARG A 24 -2.89 7.28 4.83
N LEU A 25 -1.98 6.96 3.91
CA LEU A 25 -1.50 5.61 3.68
C LEU A 25 -0.59 5.17 4.82
N GLN A 26 -0.95 4.12 5.55
CA GLN A 26 -0.14 3.59 6.63
C GLN A 26 0.02 2.08 6.39
N TYR A 27 0.89 1.44 7.17
CA TYR A 27 1.16 0.01 7.07
C TYR A 27 1.48 -0.53 8.45
N GLU A 28 1.48 -1.85 8.57
CA GLU A 28 1.74 -2.56 9.80
C GLU A 28 2.49 -3.85 9.48
N THR A 29 3.47 -4.20 10.30
CA THR A 29 4.28 -5.39 10.18
C THR A 29 5.01 -5.62 11.52
N SER A 30 5.58 -6.80 11.74
CA SER A 30 6.32 -7.13 12.95
C SER A 30 7.49 -8.01 12.58
N ARG A 31 8.53 -7.41 11.99
CA ARG A 31 9.74 -8.09 11.56
C ARG A 31 10.85 -7.06 11.43
N ASP A 32 12.01 -7.49 10.96
CA ASP A 32 13.19 -6.65 10.77
C ASP A 32 13.60 -6.66 9.30
N SER A 33 14.56 -5.80 8.99
CA SER A 33 15.20 -5.58 7.71
C SER A 33 14.17 -5.44 6.58
N ILE A 34 13.35 -4.40 6.63
CA ILE A 34 12.37 -4.18 5.59
C ILE A 34 13.12 -3.81 4.31
N PRO A 35 12.72 -4.34 3.15
CA PRO A 35 13.32 -4.04 1.87
C PRO A 35 13.02 -2.57 1.56
N THR A 36 14.01 -1.67 1.71
CA THR A 36 13.79 -0.25 1.46
C THR A 36 13.35 -0.02 0.00
N GLU A 37 13.71 -0.91 -0.92
CA GLU A 37 13.35 -0.84 -2.33
C GLU A 37 11.81 -0.84 -2.48
N LEU A 38 11.09 -1.59 -1.64
CA LEU A 38 9.63 -1.66 -1.67
C LEU A 38 9.09 -0.50 -0.83
N LEU A 39 9.72 -0.22 0.32
CA LEU A 39 9.34 0.85 1.24
C LEU A 39 9.23 2.18 0.45
N ASN A 40 10.28 2.47 -0.32
CA ASN A 40 10.38 3.66 -1.16
C ASN A 40 9.29 3.64 -2.23
N LYS A 41 8.94 2.48 -2.79
CA LYS A 41 7.89 2.35 -3.81
C LYS A 41 6.55 2.75 -3.19
N TRP A 42 6.29 2.47 -1.92
CA TRP A 42 5.03 2.85 -1.28
C TRP A 42 4.86 4.36 -1.32
N LYS A 43 5.83 5.12 -0.79
CA LYS A 43 5.74 6.57 -0.79
C LYS A 43 5.79 7.15 -2.21
N GLN A 44 6.35 6.41 -3.17
CA GLN A 44 6.45 6.83 -4.55
C GLN A 44 5.05 6.91 -5.17
N HIS A 45 4.26 5.84 -5.05
CA HIS A 45 2.92 5.73 -5.60
C HIS A 45 1.87 5.81 -4.50
N LYS A 46 2.13 6.61 -3.45
CA LYS A 46 1.23 6.79 -2.31
C LYS A 46 -0.19 7.05 -2.75
N GLN A 47 -0.43 8.05 -3.60
CA GLN A 47 -1.79 8.35 -4.04
C GLN A 47 -2.45 7.21 -4.77
N GLU A 48 -1.69 6.46 -5.56
CA GLU A 48 -2.19 5.32 -6.33
C GLU A 48 -2.61 4.21 -5.37
N LEU A 49 -1.77 3.92 -4.39
CA LEU A 49 -2.03 2.90 -3.38
C LEU A 49 -3.25 3.31 -2.60
N ILE A 50 -3.34 4.59 -2.22
CA ILE A 50 -4.50 5.06 -1.48
C ILE A 50 -5.73 4.77 -2.31
N ASP A 51 -5.78 5.26 -3.55
CA ASP A 51 -6.91 5.05 -4.44
C ASP A 51 -7.34 3.59 -4.48
N PHE A 52 -6.36 2.68 -4.49
CA PHE A 52 -6.57 1.25 -4.55
C PHE A 52 -7.10 0.67 -3.24
N LEU A 53 -6.40 0.90 -2.12
CA LEU A 53 -6.80 0.41 -0.81
C LEU A 53 -8.18 0.98 -0.45
N ASN A 54 -8.51 2.16 -0.97
CA ASN A 54 -9.78 2.81 -0.70
C ASN A 54 -10.87 2.09 -1.48
N GLN A 55 -10.74 1.98 -2.81
CA GLN A 55 -11.74 1.30 -3.62
C GLN A 55 -11.84 -0.19 -3.30
N LEU A 56 -10.84 -0.79 -2.67
CA LEU A 56 -10.80 -2.21 -2.34
C LEU A 56 -11.83 -2.65 -1.31
N ASP A 57 -12.36 -1.72 -0.51
CA ASP A 57 -13.33 -2.07 0.52
C ASP A 57 -14.54 -1.13 0.55
N SER A 58 -14.42 0.03 -0.08
CA SER A 58 -15.50 1.03 -0.15
C SER A 58 -16.07 1.12 -1.56
N GLU A 59 -15.25 0.82 -2.57
CA GLU A 59 -15.55 0.87 -4.01
C GLU A 59 -16.41 2.08 -4.40
N GLU A 60 -16.06 3.27 -3.87
CA GLU A 60 -16.78 4.51 -4.11
C GLU A 60 -15.89 5.76 -4.16
N GLN A 61 -14.63 5.58 -4.55
CA GLN A 61 -13.63 6.64 -4.66
C GLN A 61 -12.91 6.43 -5.99
N THR A 62 -12.44 7.53 -6.59
CA THR A 62 -11.74 7.56 -7.86
C THR A 62 -10.64 8.65 -7.85
N LYS A 63 -10.22 9.14 -6.68
CA LYS A 63 -9.21 10.19 -6.56
C LYS A 63 -8.19 9.78 -5.52
N GLY A 1 2.36 1.13 -16.93
CA GLY A 1 2.38 1.91 -15.68
C GLY A 1 2.36 0.98 -14.48
N ILE A 2 2.57 1.52 -13.28
CA ILE A 2 2.57 0.76 -12.03
C ILE A 2 1.13 0.32 -11.74
N ASP A 3 0.99 -0.74 -10.95
CA ASP A 3 -0.27 -1.30 -10.54
C ASP A 3 -0.23 -1.28 -9.04
N ALA A 4 -1.19 -0.61 -8.41
CA ALA A 4 -1.26 -0.52 -6.96
C ALA A 4 -1.45 -1.90 -6.35
N ALA A 5 -2.25 -2.75 -7.01
CA ALA A 5 -2.51 -4.11 -6.55
C ALA A 5 -1.21 -4.89 -6.47
N GLN A 6 -0.33 -4.72 -7.47
CA GLN A 6 0.95 -5.40 -7.49
C GLN A 6 1.81 -4.97 -6.30
N ILE A 7 1.72 -3.70 -5.88
CA ILE A 7 2.49 -3.18 -4.75
C ILE A 7 1.90 -3.73 -3.43
N VAL A 8 0.59 -3.92 -3.35
CA VAL A 8 -0.01 -4.47 -2.13
C VAL A 8 0.42 -5.94 -2.00
N ASP A 9 0.40 -6.69 -3.10
CA ASP A 9 0.76 -8.12 -3.09
C ASP A 9 2.18 -8.35 -2.58
N GLU A 10 3.15 -7.62 -3.14
CA GLU A 10 4.55 -7.74 -2.75
C GLU A 10 4.76 -7.32 -1.29
N ALA A 11 3.96 -6.39 -0.74
CA ALA A 11 4.11 -6.00 0.66
C ALA A 11 3.59 -7.14 1.54
N LEU A 12 2.44 -7.73 1.16
CA LEU A 12 1.83 -8.83 1.89
C LEU A 12 2.79 -10.02 1.91
N GLU A 13 3.55 -10.22 0.83
CA GLU A 13 4.55 -11.26 0.61
C GLU A 13 5.65 -11.26 1.68
N GLN A 14 5.86 -10.13 2.36
CA GLN A 14 6.85 -9.98 3.42
C GLN A 14 6.18 -9.88 4.79
N GLY A 15 4.85 -9.86 4.84
CA GLY A 15 4.09 -9.76 6.08
C GLY A 15 3.81 -8.31 6.43
N ILE A 16 3.71 -7.42 5.44
CA ILE A 16 3.43 -6.01 5.66
C ILE A 16 2.04 -5.75 5.10
N THR A 17 1.13 -5.42 6.00
CA THR A 17 -0.25 -5.11 5.67
C THR A 17 -0.33 -3.64 5.26
N LEU A 18 -1.04 -3.36 4.16
CA LEU A 18 -1.25 -2.01 3.64
C LEU A 18 -2.71 -1.64 3.87
N PHE A 19 -2.93 -0.37 4.18
CA PHE A 19 -4.24 0.22 4.45
C PHE A 19 -4.10 1.73 4.39
N VAL A 20 -5.19 2.43 4.65
CA VAL A 20 -5.27 3.88 4.65
C VAL A 20 -6.09 4.19 5.89
N VAL A 21 -5.52 4.92 6.85
CA VAL A 21 -6.17 5.32 8.08
C VAL A 21 -6.41 6.81 7.97
N ASN A 22 -7.66 7.23 8.19
CA ASN A 22 -8.11 8.63 8.14
C ASN A 22 -7.56 9.32 6.88
N ASN A 23 -7.74 8.66 5.72
CA ASN A 23 -7.31 9.08 4.38
C ASN A 23 -5.77 9.24 4.25
N ARG A 24 -4.95 8.55 5.06
CA ARG A 24 -3.49 8.62 5.02
C ARG A 24 -2.92 7.22 4.90
N LEU A 25 -2.03 7.00 3.93
CA LEU A 25 -1.41 5.70 3.68
C LEU A 25 -0.51 5.31 4.83
N GLN A 26 -0.74 4.14 5.45
CA GLN A 26 0.06 3.59 6.53
C GLN A 26 0.15 2.07 6.31
N TYR A 27 0.99 1.40 7.09
CA TYR A 27 1.20 -0.05 7.02
C TYR A 27 1.50 -0.57 8.41
N GLU A 28 1.42 -1.89 8.56
CA GLU A 28 1.65 -2.57 9.79
C GLU A 28 2.29 -3.92 9.53
N THR A 29 3.34 -4.24 10.27
CA THR A 29 4.06 -5.49 10.17
C THR A 29 4.62 -5.84 11.57
N SER A 30 5.38 -6.92 11.68
CA SER A 30 5.99 -7.35 12.94
C SER A 30 7.34 -7.97 12.60
N ARG A 31 8.27 -7.16 12.12
CA ARG A 31 9.61 -7.57 11.74
C ARG A 31 10.51 -6.35 11.54
N ASP A 32 11.78 -6.61 11.32
CA ASP A 32 12.85 -5.65 11.06
C ASP A 32 13.44 -5.96 9.69
N SER A 33 14.43 -5.18 9.27
CA SER A 33 15.13 -5.30 8.00
C SER A 33 14.15 -5.27 6.83
N ILE A 34 13.31 -4.24 6.76
CA ILE A 34 12.35 -4.11 5.67
C ILE A 34 13.11 -3.85 4.36
N PRO A 35 12.59 -4.33 3.22
CA PRO A 35 13.15 -4.11 1.91
C PRO A 35 12.93 -2.63 1.56
N THR A 36 13.97 -1.82 1.67
CA THR A 36 13.95 -0.38 1.40
C THR A 36 13.48 -0.09 -0.03
N GLU A 37 13.82 -0.94 -1.01
CA GLU A 37 13.43 -0.80 -2.40
C GLU A 37 11.89 -0.80 -2.54
N LEU A 38 11.25 -1.72 -1.81
CA LEU A 38 9.81 -1.92 -1.76
C LEU A 38 9.17 -0.75 -1.02
N LEU A 39 9.76 -0.38 0.12
CA LEU A 39 9.32 0.73 0.97
C LEU A 39 9.26 1.97 0.09
N ASN A 40 10.35 2.22 -0.65
CA ASN A 40 10.49 3.34 -1.56
C ASN A 40 9.39 3.29 -2.62
N LYS A 41 9.01 2.12 -3.11
CA LYS A 41 7.95 2.01 -4.11
C LYS A 41 6.62 2.49 -3.49
N TRP A 42 6.36 2.17 -2.23
CA TRP A 42 5.12 2.59 -1.56
C TRP A 42 5.01 4.11 -1.53
N LYS A 43 6.04 4.80 -1.02
CA LYS A 43 5.99 6.26 -0.95
C LYS A 43 5.94 6.86 -2.35
N GLN A 44 6.62 6.25 -3.32
CA GLN A 44 6.62 6.73 -4.69
C GLN A 44 5.20 6.80 -5.26
N HIS A 45 4.42 5.71 -5.15
CA HIS A 45 3.07 5.61 -5.69
C HIS A 45 1.99 5.69 -4.60
N LYS A 46 2.22 6.53 -3.58
CA LYS A 46 1.30 6.73 -2.45
C LYS A 46 -0.14 6.98 -2.87
N GLN A 47 -0.40 7.97 -3.72
CA GLN A 47 -1.75 8.31 -4.15
C GLN A 47 -2.45 7.11 -4.79
N GLU A 48 -1.71 6.39 -5.64
CA GLU A 48 -2.20 5.23 -6.37
C GLU A 48 -2.61 4.15 -5.38
N LEU A 49 -1.75 3.87 -4.40
CA LEU A 49 -2.01 2.88 -3.37
C LEU A 49 -3.20 3.29 -2.56
N ILE A 50 -3.28 4.57 -2.18
CA ILE A 50 -4.41 5.05 -1.40
C ILE A 50 -5.69 4.75 -2.14
N ASP A 51 -5.80 5.22 -3.38
CA ASP A 51 -6.97 5.01 -4.20
C ASP A 51 -7.31 3.54 -4.28
N PHE A 52 -6.30 2.67 -4.35
CA PHE A 52 -6.49 1.24 -4.44
C PHE A 52 -7.04 0.69 -3.12
N LEU A 53 -6.39 0.97 -1.99
CA LEU A 53 -6.84 0.52 -0.67
C LEU A 53 -8.21 1.11 -0.36
N ASN A 54 -8.53 2.29 -0.90
CA ASN A 54 -9.79 2.98 -0.72
C ASN A 54 -10.86 2.15 -1.43
N GLN A 55 -10.75 2.00 -2.74
CA GLN A 55 -11.70 1.24 -3.55
C GLN A 55 -11.78 -0.26 -3.20
N LEU A 56 -10.68 -0.86 -2.71
CA LEU A 56 -10.58 -2.29 -2.35
C LEU A 56 -11.59 -2.72 -1.30
N ASP A 57 -12.10 -1.79 -0.50
CA ASP A 57 -13.04 -2.12 0.56
C ASP A 57 -14.24 -1.18 0.65
N SER A 58 -14.09 0.06 0.17
CA SER A 58 -15.17 1.04 0.19
C SER A 58 -15.83 1.18 -1.19
N GLU A 59 -15.13 0.80 -2.26
CA GLU A 59 -15.51 0.82 -3.69
C GLU A 59 -16.04 2.13 -4.31
N GLU A 60 -16.26 3.14 -3.49
CA GLU A 60 -16.79 4.46 -3.80
C GLU A 60 -15.88 5.33 -4.68
N GLN A 61 -14.76 5.80 -4.15
CA GLN A 61 -13.85 6.68 -4.86
C GLN A 61 -13.29 6.15 -6.18
N THR A 62 -13.40 6.95 -7.23
CA THR A 62 -12.94 6.67 -8.59
C THR A 62 -11.91 7.72 -9.05
N LYS A 63 -11.11 7.35 -10.06
CA LYS A 63 -10.05 8.17 -10.65
C LYS A 63 -10.51 8.71 -11.99
N GLY A 1 3.05 1.43 -16.32
CA GLY A 1 3.32 2.37 -15.24
C GLY A 1 3.65 1.58 -14.00
N ILE A 2 2.71 1.53 -13.06
CA ILE A 2 2.79 0.79 -11.81
C ILE A 2 1.39 0.23 -11.60
N ASP A 3 1.23 -0.72 -10.68
CA ASP A 3 -0.04 -1.30 -10.39
C ASP A 3 -0.05 -1.39 -8.87
N ALA A 4 -0.96 -0.66 -8.25
CA ALA A 4 -1.08 -0.61 -6.80
C ALA A 4 -1.26 -2.01 -6.21
N ALA A 5 -2.07 -2.87 -6.85
CA ALA A 5 -2.31 -4.23 -6.38
C ALA A 5 -1.02 -5.04 -6.34
N GLN A 6 -0.15 -4.85 -7.34
CA GLN A 6 1.13 -5.54 -7.43
C GLN A 6 2.00 -5.14 -6.25
N ILE A 7 1.95 -3.88 -5.82
CA ILE A 7 2.74 -3.39 -4.69
C ILE A 7 2.17 -3.95 -3.37
N VAL A 8 0.83 -4.04 -3.26
CA VAL A 8 0.21 -4.55 -2.05
C VAL A 8 0.52 -6.04 -1.87
N ASP A 9 0.44 -6.84 -2.94
CA ASP A 9 0.70 -8.27 -2.83
C ASP A 9 2.11 -8.53 -2.34
N GLU A 10 3.10 -7.90 -2.97
CA GLU A 10 4.48 -8.10 -2.56
C GLU A 10 4.72 -7.57 -1.16
N ALA A 11 4.05 -6.51 -0.71
CA ALA A 11 4.24 -6.00 0.64
C ALA A 11 3.74 -7.07 1.61
N LEU A 12 2.58 -7.67 1.30
CA LEU A 12 1.98 -8.72 2.10
C LEU A 12 2.91 -9.93 2.14
N GLU A 13 3.66 -10.20 1.07
CA GLU A 13 4.60 -11.31 0.99
C GLU A 13 5.76 -11.16 1.98
N GLN A 14 6.03 -9.97 2.50
CA GLN A 14 7.08 -9.71 3.48
C GLN A 14 6.41 -9.54 4.86
N GLY A 15 5.08 -9.66 4.94
CA GLY A 15 4.29 -9.53 6.14
C GLY A 15 3.85 -8.09 6.40
N ILE A 16 3.93 -7.20 5.41
CA ILE A 16 3.53 -5.81 5.58
C ILE A 16 2.13 -5.59 5.05
N THR A 17 1.21 -5.30 5.97
CA THR A 17 -0.18 -5.02 5.67
C THR A 17 -0.30 -3.56 5.24
N LEU A 18 -1.00 -3.29 4.14
CA LEU A 18 -1.25 -1.95 3.60
C LEU A 18 -2.72 -1.61 3.81
N PHE A 19 -2.99 -0.34 4.13
CA PHE A 19 -4.31 0.23 4.40
C PHE A 19 -4.21 1.76 4.39
N VAL A 20 -5.32 2.48 4.61
CA VAL A 20 -5.41 3.95 4.63
C VAL A 20 -6.28 4.42 5.82
N VAL A 21 -5.67 5.05 6.83
CA VAL A 21 -6.37 5.58 8.01
C VAL A 21 -6.55 7.07 7.83
N ASN A 22 -7.77 7.59 7.98
CA ASN A 22 -8.11 9.01 7.85
C ASN A 22 -7.48 9.60 6.59
N ASN A 23 -7.59 8.87 5.46
CA ASN A 23 -7.07 9.23 4.16
C ASN A 23 -5.53 9.39 4.09
N ARG A 24 -4.79 8.75 5.00
CA ARG A 24 -3.33 8.74 5.09
C ARG A 24 -2.86 7.30 4.93
N LEU A 25 -1.91 7.05 4.03
CA LEU A 25 -1.37 5.72 3.78
C LEU A 25 -0.46 5.29 4.92
N GLN A 26 -0.74 4.17 5.61
CA GLN A 26 0.05 3.59 6.70
C GLN A 26 0.21 2.09 6.42
N TYR A 27 1.06 1.43 7.18
CA TYR A 27 1.33 0.01 7.08
C TYR A 27 1.65 -0.54 8.44
N GLU A 28 1.47 -1.85 8.62
CA GLU A 28 1.72 -2.54 9.85
C GLU A 28 2.39 -3.87 9.55
N THR A 29 3.44 -4.20 10.30
CA THR A 29 4.19 -5.43 10.15
C THR A 29 4.95 -5.75 11.45
N SER A 30 5.43 -6.99 11.59
CA SER A 30 6.19 -7.44 12.74
C SER A 30 7.38 -8.24 12.26
N ARG A 31 8.39 -7.52 11.77
CA ARG A 31 9.63 -8.07 11.24
C ARG A 31 10.64 -6.97 11.01
N ASP A 32 11.91 -7.32 11.11
CA ASP A 32 13.02 -6.39 10.88
C ASP A 32 13.44 -6.49 9.42
N SER A 33 14.38 -5.67 9.00
CA SER A 33 14.93 -5.65 7.64
C SER A 33 13.86 -5.53 6.55
N ILE A 34 13.11 -4.44 6.55
CA ILE A 34 12.09 -4.24 5.51
C ILE A 34 12.85 -3.93 4.20
N PRO A 35 12.43 -4.51 3.07
CA PRO A 35 13.04 -4.24 1.78
C PRO A 35 12.83 -2.76 1.43
N THR A 36 13.91 -1.97 1.50
CA THR A 36 13.92 -0.53 1.22
C THR A 36 13.37 -0.19 -0.17
N GLU A 37 13.61 -1.04 -1.16
CA GLU A 37 13.16 -0.86 -2.54
C GLU A 37 11.63 -0.82 -2.59
N LEU A 38 10.98 -1.75 -1.88
CA LEU A 38 9.54 -1.88 -1.78
C LEU A 38 8.99 -0.77 -0.88
N LEU A 39 9.72 -0.42 0.20
CA LEU A 39 9.36 0.63 1.14
C LEU A 39 9.22 1.97 0.41
N ASN A 40 10.26 2.35 -0.33
CA ASN A 40 10.28 3.59 -1.09
C ASN A 40 9.20 3.58 -2.17
N LYS A 41 8.87 2.41 -2.73
CA LYS A 41 7.82 2.31 -3.76
C LYS A 41 6.48 2.79 -3.18
N TRP A 42 6.24 2.57 -1.89
CA TRP A 42 4.99 3.01 -1.25
C TRP A 42 4.84 4.53 -1.30
N LYS A 43 5.88 5.28 -0.90
CA LYS A 43 5.82 6.74 -0.92
C LYS A 43 5.79 7.24 -2.37
N GLN A 44 6.43 6.52 -3.29
CA GLN A 44 6.50 6.87 -4.70
C GLN A 44 5.10 6.96 -5.31
N HIS A 45 4.27 5.93 -5.12
CA HIS A 45 2.93 5.84 -5.67
C HIS A 45 1.86 5.93 -4.58
N LYS A 46 2.08 6.81 -3.61
CA LYS A 46 1.17 6.99 -2.49
C LYS A 46 -0.30 7.13 -2.91
N GLN A 47 -0.65 8.07 -3.78
CA GLN A 47 -2.04 8.26 -4.19
C GLN A 47 -2.57 7.02 -4.88
N GLU A 48 -1.78 6.39 -5.75
CA GLU A 48 -2.19 5.20 -6.50
C GLU A 48 -2.55 4.09 -5.50
N LEU A 49 -1.71 3.88 -4.49
CA LEU A 49 -1.93 2.88 -3.45
C LEU A 49 -3.16 3.24 -2.64
N ILE A 50 -3.28 4.50 -2.21
CA ILE A 50 -4.42 4.93 -1.42
C ILE A 50 -5.69 4.62 -2.20
N ASP A 51 -5.77 5.08 -3.43
CA ASP A 51 -6.91 4.89 -4.32
C ASP A 51 -7.26 3.42 -4.47
N PHE A 52 -6.26 2.53 -4.45
CA PHE A 52 -6.47 1.09 -4.57
C PHE A 52 -7.01 0.54 -3.25
N LEU A 53 -6.36 0.84 -2.11
CA LEU A 53 -6.81 0.36 -0.80
C LEU A 53 -8.19 0.95 -0.49
N ASN A 54 -8.51 2.13 -1.01
CA ASN A 54 -9.78 2.79 -0.77
C ASN A 54 -10.87 2.05 -1.51
N GLN A 55 -10.72 1.88 -2.83
CA GLN A 55 -11.71 1.15 -3.63
C GLN A 55 -11.81 -0.33 -3.24
N LEU A 56 -10.78 -0.88 -2.59
CA LEU A 56 -10.72 -2.29 -2.18
C LEU A 56 -11.84 -2.69 -1.24
N ASP A 57 -12.43 -1.73 -0.55
CA ASP A 57 -13.50 -2.05 0.39
C ASP A 57 -14.65 -1.06 0.37
N SER A 58 -14.37 0.19 -0.02
CA SER A 58 -15.37 1.24 -0.09
C SER A 58 -15.95 1.34 -1.51
N GLU A 59 -15.20 0.94 -2.54
CA GLU A 59 -15.43 0.89 -4.00
C GLU A 59 -16.14 2.08 -4.69
N GLU A 60 -16.51 3.13 -3.96
CA GLU A 60 -17.21 4.34 -4.42
C GLU A 60 -16.29 5.58 -4.50
N GLN A 61 -14.97 5.38 -4.45
CA GLN A 61 -13.97 6.44 -4.52
C GLN A 61 -13.08 6.17 -5.72
N THR A 62 -12.82 7.22 -6.50
CA THR A 62 -12.00 7.19 -7.71
C THR A 62 -11.17 8.48 -7.75
N LYS A 63 -9.84 8.41 -7.87
CA LYS A 63 -8.91 9.55 -7.93
C LYS A 63 -7.66 9.13 -8.68
N GLY A 1 3.09 0.89 -16.66
CA GLY A 1 2.96 1.70 -15.45
C GLY A 1 2.71 0.80 -14.26
N ILE A 2 3.01 1.31 -13.07
CA ILE A 2 2.84 0.58 -11.81
C ILE A 2 1.38 0.20 -11.60
N ASP A 3 1.14 -0.84 -10.82
CA ASP A 3 -0.18 -1.33 -10.49
C ASP A 3 -0.22 -1.30 -8.97
N ALA A 4 -1.14 -0.53 -8.39
CA ALA A 4 -1.27 -0.42 -6.95
C ALA A 4 -1.50 -1.78 -6.30
N ALA A 5 -2.34 -2.63 -6.90
CA ALA A 5 -2.65 -3.98 -6.40
C ALA A 5 -1.40 -4.83 -6.30
N GLN A 6 -0.53 -4.73 -7.31
CA GLN A 6 0.72 -5.49 -7.34
C GLN A 6 1.57 -5.13 -6.13
N ILE A 7 1.67 -3.84 -5.80
CA ILE A 7 2.47 -3.37 -4.67
C ILE A 7 1.93 -3.91 -3.35
N VAL A 8 0.61 -3.94 -3.18
CA VAL A 8 0.01 -4.44 -1.96
C VAL A 8 0.33 -5.93 -1.78
N ASP A 9 0.19 -6.71 -2.83
CA ASP A 9 0.43 -8.15 -2.78
C ASP A 9 1.90 -8.47 -2.50
N GLU A 10 2.83 -7.80 -3.19
CA GLU A 10 4.24 -8.06 -2.94
C GLU A 10 4.63 -7.57 -1.55
N ALA A 11 3.96 -6.54 -1.01
CA ALA A 11 4.28 -6.07 0.32
C ALA A 11 3.83 -7.16 1.31
N LEU A 12 2.68 -7.81 1.04
CA LEU A 12 2.14 -8.88 1.85
C LEU A 12 3.10 -10.07 1.87
N GLU A 13 3.83 -10.32 0.77
CA GLU A 13 4.80 -11.42 0.68
C GLU A 13 5.89 -11.23 1.74
N GLN A 14 6.28 -9.97 2.00
CA GLN A 14 7.30 -9.66 3.00
C GLN A 14 6.66 -9.53 4.40
N GLY A 15 5.36 -9.72 4.50
CA GLY A 15 4.57 -9.65 5.72
C GLY A 15 4.07 -8.25 6.04
N ILE A 16 4.13 -7.30 5.11
CA ILE A 16 3.68 -5.93 5.36
C ILE A 16 2.27 -5.72 4.82
N THR A 17 1.35 -5.36 5.71
CA THR A 17 -0.03 -5.10 5.40
C THR A 17 -0.19 -3.61 5.09
N LEU A 18 -0.82 -3.30 3.95
CA LEU A 18 -1.09 -1.95 3.49
C LEU A 18 -2.56 -1.66 3.73
N PHE A 19 -2.88 -0.41 4.04
CA PHE A 19 -4.26 0.05 4.28
C PHE A 19 -4.25 1.59 4.28
N VAL A 20 -5.41 2.21 4.49
CA VAL A 20 -5.54 3.67 4.57
C VAL A 20 -6.41 3.96 5.79
N VAL A 21 -6.05 4.95 6.59
CA VAL A 21 -6.80 5.36 7.77
C VAL A 21 -6.94 6.87 7.71
N ASN A 22 -8.16 7.40 7.84
CA ASN A 22 -8.46 8.84 7.80
C ASN A 22 -7.75 9.52 6.64
N ASN A 23 -7.80 8.95 5.43
CA ASN A 23 -7.18 9.46 4.24
C ASN A 23 -5.66 9.66 4.39
N ARG A 24 -4.99 8.76 5.14
CA ARG A 24 -3.55 8.72 5.40
C ARG A 24 -3.09 7.29 5.12
N LEU A 25 -2.16 7.10 4.18
CA LEU A 25 -1.62 5.79 3.80
C LEU A 25 -0.63 5.35 4.86
N GLN A 26 -0.86 4.20 5.51
CA GLN A 26 0.01 3.62 6.53
C GLN A 26 0.04 2.10 6.30
N TYR A 27 0.91 1.41 7.02
CA TYR A 27 1.10 -0.03 6.95
C TYR A 27 1.38 -0.56 8.34
N GLU A 28 1.27 -1.87 8.52
CA GLU A 28 1.48 -2.58 9.76
C GLU A 28 2.28 -3.84 9.41
N THR A 29 3.30 -4.17 10.21
CA THR A 29 4.17 -5.32 10.08
C THR A 29 4.92 -5.44 11.40
N SER A 30 5.24 -6.66 11.84
CA SER A 30 5.96 -6.91 13.08
C SER A 30 7.21 -7.70 12.75
N ARG A 31 8.25 -7.02 12.25
CA ARG A 31 9.52 -7.62 11.87
C ARG A 31 10.57 -6.53 11.71
N ASP A 32 11.78 -6.95 11.37
CA ASP A 32 12.97 -6.14 11.17
C ASP A 32 13.54 -6.39 9.77
N SER A 33 14.49 -5.53 9.39
CA SER A 33 15.21 -5.54 8.11
C SER A 33 14.30 -5.55 6.86
N ILE A 34 13.27 -4.70 6.85
CA ILE A 34 12.32 -4.57 5.75
C ILE A 34 13.05 -4.16 4.45
N PRO A 35 12.59 -4.65 3.28
CA PRO A 35 13.16 -4.32 1.97
C PRO A 35 12.90 -2.83 1.66
N THR A 36 13.97 -2.03 1.65
CA THR A 36 13.95 -0.61 1.40
C THR A 36 13.42 -0.28 -0.01
N GLU A 37 13.67 -1.15 -0.99
CA GLU A 37 13.22 -0.97 -2.38
C GLU A 37 11.69 -0.84 -2.44
N LEU A 38 11.01 -1.79 -1.81
CA LEU A 38 9.57 -1.90 -1.74
C LEU A 38 9.04 -0.81 -0.80
N LEU A 39 9.76 -0.49 0.28
CA LEU A 39 9.39 0.56 1.24
C LEU A 39 9.26 1.88 0.45
N ASN A 40 10.27 2.18 -0.35
CA ASN A 40 10.35 3.37 -1.20
C ASN A 40 9.28 3.34 -2.29
N LYS A 41 8.91 2.16 -2.80
CA LYS A 41 7.89 2.04 -3.83
C LYS A 41 6.56 2.57 -3.27
N TRP A 42 6.29 2.36 -1.99
CA TRP A 42 5.06 2.83 -1.37
C TRP A 42 4.97 4.36 -1.44
N LYS A 43 5.99 5.08 -0.96
CA LYS A 43 5.96 6.54 -0.99
C LYS A 43 5.96 7.06 -2.43
N GLN A 44 6.54 6.34 -3.37
CA GLN A 44 6.59 6.75 -4.76
C GLN A 44 5.18 6.87 -5.35
N HIS A 45 4.37 5.82 -5.16
CA HIS A 45 3.01 5.72 -5.69
C HIS A 45 1.95 5.84 -4.60
N LYS A 46 2.20 6.65 -3.57
CA LYS A 46 1.27 6.84 -2.44
C LYS A 46 -0.16 7.07 -2.91
N GLN A 47 -0.40 8.08 -3.76
CA GLN A 47 -1.76 8.36 -4.23
C GLN A 47 -2.41 7.19 -4.96
N GLU A 48 -1.65 6.49 -5.79
CA GLU A 48 -2.14 5.35 -6.57
C GLU A 48 -2.56 4.21 -5.62
N LEU A 49 -1.75 3.98 -4.57
CA LEU A 49 -1.99 2.96 -3.58
C LEU A 49 -3.22 3.31 -2.76
N ILE A 50 -3.31 4.57 -2.31
CA ILE A 50 -4.45 5.03 -1.52
C ILE A 50 -5.70 4.72 -2.29
N ASP A 51 -5.80 5.20 -3.52
CA ASP A 51 -6.97 5.00 -4.35
C ASP A 51 -7.36 3.53 -4.46
N PHE A 52 -6.37 2.64 -4.47
CA PHE A 52 -6.58 1.21 -4.58
C PHE A 52 -7.08 0.62 -3.26
N LEU A 53 -6.34 0.81 -2.15
CA LEU A 53 -6.76 0.29 -0.84
C LEU A 53 -8.11 0.87 -0.46
N ASN A 54 -8.42 2.08 -0.93
CA ASN A 54 -9.68 2.72 -0.63
C ASN A 54 -10.77 2.01 -1.41
N GLN A 55 -10.64 1.90 -2.75
CA GLN A 55 -11.66 1.22 -3.52
C GLN A 55 -11.77 -0.27 -3.17
N LEU A 56 -10.76 -0.86 -2.52
CA LEU A 56 -10.70 -2.25 -2.12
C LEU A 56 -11.42 -2.53 -0.80
N ASP A 57 -11.52 -1.55 0.11
CA ASP A 57 -12.15 -1.78 1.42
C ASP A 57 -13.27 -0.82 1.80
N SER A 58 -13.37 0.27 1.06
CA SER A 58 -14.35 1.34 1.24
C SER A 58 -15.25 1.49 0.01
N GLU A 59 -14.75 1.10 -1.17
CA GLU A 59 -15.33 1.08 -2.53
C GLU A 59 -16.18 2.28 -2.99
N GLU A 60 -16.40 3.31 -2.17
CA GLU A 60 -17.21 4.48 -2.50
C GLU A 60 -16.41 5.60 -3.19
N GLN A 61 -15.07 5.56 -3.21
CA GLN A 61 -14.25 6.58 -3.82
C GLN A 61 -13.14 5.97 -4.66
N THR A 62 -12.93 6.50 -5.87
CA THR A 62 -11.91 6.08 -6.83
C THR A 62 -11.72 7.25 -7.82
N LYS A 63 -10.52 7.50 -8.31
CA LYS A 63 -10.24 8.58 -9.27
C LYS A 63 -9.04 8.21 -10.11
N GLY A 1 4.24 1.11 -16.27
CA GLY A 1 3.37 1.77 -15.28
C GLY A 1 3.28 0.90 -14.04
N ILE A 2 3.13 1.53 -12.87
CA ILE A 2 3.01 0.78 -11.62
C ILE A 2 1.57 0.29 -11.48
N ASP A 3 1.34 -0.70 -10.62
CA ASP A 3 0.03 -1.24 -10.39
C ASP A 3 -0.09 -1.38 -8.90
N ALA A 4 -1.02 -0.65 -8.31
CA ALA A 4 -1.22 -0.69 -6.87
C ALA A 4 -1.48 -2.12 -6.37
N ALA A 5 -2.26 -2.93 -7.09
CA ALA A 5 -2.57 -4.30 -6.70
C ALA A 5 -1.32 -5.17 -6.60
N GLN A 6 -0.35 -4.91 -7.49
CA GLN A 6 0.91 -5.63 -7.54
C GLN A 6 1.71 -5.29 -6.28
N ILE A 7 1.70 -4.02 -5.88
CA ILE A 7 2.43 -3.57 -4.71
C ILE A 7 1.82 -4.15 -3.43
N VAL A 8 0.49 -4.22 -3.34
CA VAL A 8 -0.18 -4.76 -2.16
C VAL A 8 0.23 -6.23 -1.96
N ASP A 9 0.30 -7.00 -3.04
CA ASP A 9 0.65 -8.41 -3.02
C ASP A 9 2.09 -8.63 -2.54
N GLU A 10 3.07 -7.97 -3.18
CA GLU A 10 4.47 -8.12 -2.80
C GLU A 10 4.73 -7.63 -1.37
N ALA A 11 3.92 -6.71 -0.82
CA ALA A 11 4.14 -6.28 0.56
C ALA A 11 3.68 -7.42 1.47
N LEU A 12 2.52 -8.02 1.17
CA LEU A 12 1.97 -9.14 1.94
C LEU A 12 2.92 -10.32 1.89
N GLU A 13 3.69 -10.49 0.81
CA GLU A 13 4.65 -11.58 0.69
C GLU A 13 5.68 -11.49 1.82
N GLN A 14 6.00 -10.26 2.26
CA GLN A 14 6.93 -9.99 3.35
C GLN A 14 6.18 -9.83 4.69
N GLY A 15 4.86 -9.88 4.67
CA GLY A 15 3.98 -9.77 5.82
C GLY A 15 3.55 -8.35 6.13
N ILE A 16 3.71 -7.41 5.19
CA ILE A 16 3.35 -6.03 5.39
C ILE A 16 1.95 -5.76 4.85
N THR A 17 1.05 -5.42 5.74
CA THR A 17 -0.34 -5.11 5.46
C THR A 17 -0.43 -3.62 5.12
N LEU A 18 -1.14 -3.26 4.05
CA LEU A 18 -1.35 -1.88 3.63
C LEU A 18 -2.81 -1.50 3.85
N PHE A 19 -3.07 -0.23 4.20
CA PHE A 19 -4.42 0.28 4.45
C PHE A 19 -4.38 1.81 4.45
N VAL A 20 -5.55 2.47 4.53
CA VAL A 20 -5.66 3.93 4.55
C VAL A 20 -6.60 4.31 5.70
N VAL A 21 -6.16 5.26 6.52
CA VAL A 21 -6.90 5.80 7.65
C VAL A 21 -6.84 7.31 7.46
N ASN A 22 -7.98 8.00 7.51
CA ASN A 22 -8.07 9.45 7.34
C ASN A 22 -7.30 9.90 6.09
N ASN A 23 -7.51 9.22 4.96
CA ASN A 23 -6.87 9.45 3.65
C ASN A 23 -5.34 9.30 3.65
N ARG A 24 -4.73 8.87 4.76
CA ARG A 24 -3.28 8.70 4.88
C ARG A 24 -2.97 7.22 4.91
N LEU A 25 -2.13 6.82 3.96
CA LEU A 25 -1.67 5.46 3.76
C LEU A 25 -0.84 5.04 4.98
N GLN A 26 -1.22 3.96 5.63
CA GLN A 26 -0.55 3.41 6.79
C GLN A 26 -0.23 1.94 6.49
N TYR A 27 0.68 1.32 7.26
CA TYR A 27 1.04 -0.07 7.06
C TYR A 27 1.41 -0.69 8.39
N GLU A 28 1.24 -1.99 8.50
CA GLU A 28 1.47 -2.75 9.69
C GLU A 28 2.24 -4.02 9.34
N THR A 29 3.32 -4.31 10.08
CA THR A 29 4.17 -5.46 9.92
C THR A 29 4.86 -5.73 11.26
N SER A 30 5.67 -6.79 11.34
CA SER A 30 6.40 -7.18 12.54
C SER A 30 7.63 -7.97 12.08
N ARG A 31 8.63 -7.27 11.54
CA ARG A 31 9.88 -7.88 11.08
C ARG A 31 10.96 -6.81 10.96
N ASP A 32 12.21 -7.22 11.01
CA ASP A 32 13.39 -6.36 10.93
C ASP A 32 13.92 -6.30 9.48
N SER A 33 14.88 -5.41 9.20
CA SER A 33 15.56 -5.21 7.92
C SER A 33 14.59 -5.20 6.72
N ILE A 34 13.60 -4.31 6.74
CA ILE A 34 12.61 -4.21 5.67
C ILE A 34 13.30 -3.77 4.35
N PRO A 35 12.77 -4.21 3.20
CA PRO A 35 13.28 -3.88 1.89
C PRO A 35 13.12 -2.37 1.66
N THR A 36 14.20 -1.61 1.74
CA THR A 36 14.22 -0.16 1.53
C THR A 36 13.66 0.18 0.14
N GLU A 37 13.76 -0.73 -0.82
CA GLU A 37 13.25 -0.59 -2.19
C GLU A 37 11.72 -0.53 -2.12
N LEU A 38 11.09 -1.56 -1.58
CA LEU A 38 9.64 -1.71 -1.42
C LEU A 38 9.10 -0.55 -0.56
N LEU A 39 9.80 -0.24 0.54
CA LEU A 39 9.48 0.82 1.48
C LEU A 39 9.34 2.14 0.72
N ASN A 40 10.33 2.44 -0.13
CA ASN A 40 10.36 3.66 -0.94
C ASN A 40 9.38 3.58 -2.12
N LYS A 41 9.00 2.39 -2.58
CA LYS A 41 8.05 2.23 -3.69
C LYS A 41 6.69 2.72 -3.20
N TRP A 42 6.28 2.32 -1.98
CA TRP A 42 5.01 2.69 -1.41
C TRP A 42 4.75 4.19 -1.44
N LYS A 43 5.69 4.95 -0.87
CA LYS A 43 5.58 6.39 -0.81
C LYS A 43 5.65 7.02 -2.20
N GLN A 44 6.35 6.39 -3.14
CA GLN A 44 6.48 6.91 -4.49
C GLN A 44 5.10 7.00 -5.13
N HIS A 45 4.36 5.88 -5.09
CA HIS A 45 3.04 5.76 -5.67
C HIS A 45 2.01 5.68 -4.54
N LYS A 46 2.16 6.56 -3.55
CA LYS A 46 1.28 6.62 -2.40
C LYS A 46 -0.15 6.90 -2.84
N GLN A 47 -0.38 7.90 -3.69
CA GLN A 47 -1.73 8.24 -4.15
C GLN A 47 -2.35 7.05 -4.86
N GLU A 48 -1.56 6.39 -5.69
CA GLU A 48 -1.97 5.23 -6.48
C GLU A 48 -2.42 4.11 -5.53
N LEU A 49 -1.63 3.84 -4.49
CA LEU A 49 -1.95 2.82 -3.49
C LEU A 49 -3.18 3.23 -2.69
N ILE A 50 -3.22 4.48 -2.21
CA ILE A 50 -4.35 4.99 -1.43
C ILE A 50 -5.64 4.73 -2.18
N ASP A 51 -5.71 5.20 -3.41
CA ASP A 51 -6.86 5.05 -4.30
C ASP A 51 -7.30 3.60 -4.35
N PHE A 52 -6.32 2.67 -4.37
CA PHE A 52 -6.56 1.23 -4.41
C PHE A 52 -7.09 0.70 -3.07
N LEU A 53 -6.37 0.94 -1.97
CA LEU A 53 -6.75 0.48 -0.63
C LEU A 53 -8.09 1.08 -0.20
N ASN A 54 -8.44 2.26 -0.72
CA ASN A 54 -9.71 2.89 -0.39
C ASN A 54 -10.82 2.15 -1.15
N GLN A 55 -10.67 1.98 -2.47
CA GLN A 55 -11.66 1.28 -3.28
C GLN A 55 -11.70 -0.24 -2.97
N LEU A 56 -10.74 -0.77 -2.19
CA LEU A 56 -10.66 -2.17 -1.81
C LEU A 56 -11.67 -2.48 -0.70
N ASP A 57 -12.07 -1.48 0.08
CA ASP A 57 -13.00 -1.62 1.19
C ASP A 57 -14.22 -0.73 1.05
N SER A 58 -14.02 0.59 0.99
CA SER A 58 -15.13 1.51 0.86
C SER A 58 -15.85 1.32 -0.48
N GLU A 59 -15.08 1.12 -1.55
CA GLU A 59 -15.52 0.94 -2.94
C GLU A 59 -16.56 1.98 -3.44
N GLU A 60 -16.68 3.11 -2.74
CA GLU A 60 -17.58 4.24 -3.00
C GLU A 60 -16.77 5.50 -3.34
N GLN A 61 -15.46 5.38 -3.57
CA GLN A 61 -14.55 6.45 -3.93
C GLN A 61 -14.20 6.28 -5.41
N THR A 62 -13.92 7.38 -6.11
CA THR A 62 -13.55 7.39 -7.52
C THR A 62 -12.72 8.65 -7.80
N LYS A 63 -12.15 8.76 -9.01
CA LYS A 63 -11.33 9.87 -9.46
C LYS A 63 -12.12 10.73 -10.41
N GLY A 1 4.20 1.99 -16.22
CA GLY A 1 3.21 2.37 -15.21
C GLY A 1 3.44 1.55 -13.96
N ILE A 2 2.44 1.51 -13.08
CA ILE A 2 2.49 0.76 -11.83
C ILE A 2 1.07 0.27 -11.57
N ASP A 3 0.94 -0.73 -10.70
CA ASP A 3 -0.32 -1.33 -10.33
C ASP A 3 -0.27 -1.37 -8.83
N ALA A 4 -1.20 -0.70 -8.16
CA ALA A 4 -1.22 -0.68 -6.71
C ALA A 4 -1.40 -2.09 -6.16
N ALA A 5 -2.25 -2.90 -6.81
CA ALA A 5 -2.53 -4.27 -6.40
C ALA A 5 -1.24 -5.09 -6.35
N GLN A 6 -0.37 -4.92 -7.35
CA GLN A 6 0.89 -5.64 -7.42
C GLN A 6 1.74 -5.27 -6.20
N ILE A 7 1.79 -3.99 -5.83
CA ILE A 7 2.57 -3.49 -4.70
C ILE A 7 2.05 -4.05 -3.37
N VAL A 8 0.72 -4.13 -3.21
CA VAL A 8 0.13 -4.64 -1.99
C VAL A 8 0.44 -6.13 -1.85
N ASP A 9 0.31 -6.88 -2.94
CA ASP A 9 0.54 -8.33 -2.97
C ASP A 9 1.97 -8.70 -2.60
N GLU A 10 2.95 -7.98 -3.12
CA GLU A 10 4.36 -8.26 -2.81
C GLU A 10 4.67 -7.86 -1.38
N ALA A 11 4.09 -6.77 -0.87
CA ALA A 11 4.35 -6.35 0.49
C ALA A 11 3.82 -7.42 1.46
N LEU A 12 2.71 -8.06 1.11
CA LEU A 12 2.10 -9.10 1.92
C LEU A 12 3.00 -10.31 2.01
N GLU A 13 3.77 -10.62 0.97
CA GLU A 13 4.68 -11.74 0.98
C GLU A 13 5.71 -11.56 2.09
N GLN A 14 6.17 -10.32 2.33
CA GLN A 14 7.13 -10.07 3.39
C GLN A 14 6.39 -10.12 4.74
N GLY A 15 5.12 -9.73 4.74
CA GLY A 15 4.24 -9.70 5.89
C GLY A 15 3.81 -8.26 6.22
N ILE A 16 3.86 -7.35 5.25
CA ILE A 16 3.48 -5.96 5.44
C ILE A 16 2.10 -5.77 4.83
N THR A 17 1.17 -5.33 5.68
CA THR A 17 -0.20 -5.07 5.30
C THR A 17 -0.35 -3.58 5.00
N LEU A 18 -0.99 -3.26 3.86
CA LEU A 18 -1.25 -1.89 3.42
C LEU A 18 -2.74 -1.60 3.66
N PHE A 19 -3.04 -0.35 4.02
CA PHE A 19 -4.39 0.15 4.29
C PHE A 19 -4.37 1.68 4.32
N VAL A 20 -5.52 2.34 4.45
CA VAL A 20 -5.61 3.81 4.52
C VAL A 20 -6.50 4.25 5.69
N VAL A 21 -5.92 4.82 6.75
CA VAL A 21 -6.65 5.30 7.93
C VAL A 21 -6.92 6.77 7.69
N ASN A 22 -8.17 7.20 7.71
CA ASN A 22 -8.61 8.58 7.51
C ASN A 22 -7.80 9.32 6.43
N ASN A 23 -7.73 8.72 5.23
CA ASN A 23 -7.03 9.21 4.05
C ASN A 23 -5.50 9.30 4.19
N ARG A 24 -4.92 8.73 5.23
CA ARG A 24 -3.47 8.73 5.50
C ARG A 24 -2.96 7.31 5.30
N LEU A 25 -2.07 7.11 4.33
CA LEU A 25 -1.49 5.80 4.02
C LEU A 25 -0.65 5.26 5.19
N GLN A 26 -1.01 4.12 5.79
CA GLN A 26 -0.28 3.48 6.88
C GLN A 26 -0.05 2.02 6.48
N TYR A 27 0.76 1.32 7.26
CA TYR A 27 1.09 -0.08 7.07
C TYR A 27 1.33 -0.67 8.45
N GLU A 28 1.35 -2.00 8.52
CA GLU A 28 1.56 -2.75 9.73
C GLU A 28 2.34 -4.01 9.35
N THR A 29 3.39 -4.30 10.09
CA THR A 29 4.28 -5.45 9.90
C THR A 29 5.03 -5.67 11.23
N SER A 30 5.39 -6.93 11.53
CA SER A 30 6.10 -7.31 12.74
C SER A 30 7.47 -7.88 12.40
N ARG A 31 8.44 -7.04 12.01
CA ARG A 31 9.78 -7.44 11.64
C ARG A 31 10.71 -6.24 11.52
N ASP A 32 11.96 -6.53 11.17
CA ASP A 32 13.08 -5.64 10.97
C ASP A 32 13.71 -5.95 9.61
N SER A 33 14.71 -5.15 9.24
CA SER A 33 15.46 -5.26 7.98
C SER A 33 14.53 -5.33 6.76
N ILE A 34 13.51 -4.46 6.74
CA ILE A 34 12.54 -4.36 5.66
C ILE A 34 13.22 -3.99 4.33
N PRO A 35 12.68 -4.48 3.19
CA PRO A 35 13.18 -4.17 1.86
C PRO A 35 12.92 -2.67 1.58
N THR A 36 13.97 -1.83 1.67
CA THR A 36 13.88 -0.39 1.45
C THR A 36 13.35 -0.09 0.04
N GLU A 37 13.70 -0.89 -0.96
CA GLU A 37 13.27 -0.71 -2.34
C GLU A 37 11.74 -0.71 -2.43
N LEU A 38 11.11 -1.69 -1.77
CA LEU A 38 9.68 -1.87 -1.72
C LEU A 38 9.05 -0.78 -0.84
N LEU A 39 9.73 -0.38 0.23
CA LEU A 39 9.28 0.69 1.14
C LEU A 39 9.15 1.97 0.30
N ASN A 40 10.20 2.27 -0.48
CA ASN A 40 10.29 3.42 -1.36
C ASN A 40 9.17 3.34 -2.39
N LYS A 41 8.87 2.17 -2.95
CA LYS A 41 7.79 2.01 -3.93
C LYS A 41 6.47 2.52 -3.34
N TRP A 42 6.22 2.30 -2.05
CA TRP A 42 4.99 2.77 -1.41
C TRP A 42 4.92 4.29 -1.43
N LYS A 43 5.93 5.00 -0.92
CA LYS A 43 5.91 6.46 -0.91
C LYS A 43 5.92 7.01 -2.34
N GLN A 44 6.60 6.34 -3.27
CA GLN A 44 6.69 6.73 -4.67
C GLN A 44 5.29 6.87 -5.26
N HIS A 45 4.46 5.84 -5.11
CA HIS A 45 3.11 5.78 -5.65
C HIS A 45 2.04 5.93 -4.57
N LYS A 46 2.31 6.70 -3.50
CA LYS A 46 1.40 6.93 -2.38
C LYS A 46 -0.03 7.16 -2.83
N GLN A 47 -0.26 8.20 -3.64
CA GLN A 47 -1.60 8.53 -4.11
C GLN A 47 -2.26 7.37 -4.87
N GLU A 48 -1.48 6.69 -5.70
CA GLU A 48 -1.92 5.57 -6.53
C GLU A 48 -2.34 4.36 -5.68
N LEU A 49 -1.66 4.15 -4.54
CA LEU A 49 -1.97 3.06 -3.61
C LEU A 49 -3.20 3.45 -2.80
N ILE A 50 -3.30 4.72 -2.40
CA ILE A 50 -4.44 5.21 -1.63
C ILE A 50 -5.67 4.92 -2.46
N ASP A 51 -5.67 5.37 -3.71
CA ASP A 51 -6.77 5.18 -4.66
C ASP A 51 -7.27 3.74 -4.73
N PHE A 52 -6.36 2.78 -4.58
CA PHE A 52 -6.63 1.35 -4.61
C PHE A 52 -7.15 0.80 -3.28
N LEU A 53 -6.43 1.00 -2.17
CA LEU A 53 -6.82 0.50 -0.86
C LEU A 53 -8.16 1.05 -0.41
N ASN A 54 -8.46 2.28 -0.81
CA ASN A 54 -9.70 2.93 -0.44
C ASN A 54 -10.86 2.26 -1.17
N GLN A 55 -10.75 2.14 -2.50
CA GLN A 55 -11.78 1.50 -3.29
C GLN A 55 -11.89 0.00 -3.00
N LEU A 56 -10.85 -0.65 -2.46
CA LEU A 56 -10.89 -2.09 -2.16
C LEU A 56 -11.84 -2.39 -1.01
N ASP A 57 -11.97 -1.45 -0.07
CA ASP A 57 -12.81 -1.63 1.11
C ASP A 57 -14.14 -0.90 1.05
N SER A 58 -14.18 0.28 0.43
CA SER A 58 -15.37 1.11 0.32
C SER A 58 -16.07 1.02 -1.04
N GLU A 59 -15.32 0.71 -2.10
CA GLU A 59 -15.74 0.58 -3.51
C GLU A 59 -16.68 1.69 -4.03
N GLU A 60 -16.65 2.87 -3.41
CA GLU A 60 -17.47 4.01 -3.80
C GLU A 60 -16.64 5.26 -4.11
N GLN A 61 -15.31 5.23 -3.91
CA GLN A 61 -14.44 6.38 -4.21
C GLN A 61 -14.01 6.32 -5.68
N THR A 62 -13.48 7.41 -6.22
CA THR A 62 -13.00 7.53 -7.60
C THR A 62 -12.05 8.73 -7.70
N LYS A 63 -11.33 8.84 -8.81
CA LYS A 63 -10.38 9.91 -9.10
C LYS A 63 -11.18 11.14 -9.48
N GLY A 1 4.64 3.09 -15.58
CA GLY A 1 3.39 2.54 -15.05
C GLY A 1 3.65 1.71 -13.81
N ILE A 2 2.60 1.47 -13.03
CA ILE A 2 2.60 0.69 -11.79
C ILE A 2 1.17 0.23 -11.60
N ASP A 3 0.99 -0.69 -10.66
CA ASP A 3 -0.29 -1.23 -10.32
C ASP A 3 -0.25 -1.28 -8.82
N ALA A 4 -1.20 -0.60 -8.21
CA ALA A 4 -1.31 -0.56 -6.76
C ALA A 4 -1.50 -2.00 -6.25
N ALA A 5 -2.26 -2.82 -6.96
CA ALA A 5 -2.53 -4.20 -6.59
C ALA A 5 -1.26 -5.03 -6.55
N GLN A 6 -0.33 -4.80 -7.46
CA GLN A 6 0.93 -5.52 -7.53
C GLN A 6 1.76 -5.22 -6.28
N ILE A 7 1.78 -3.94 -5.85
CA ILE A 7 2.54 -3.52 -4.70
C ILE A 7 1.95 -4.15 -3.42
N VAL A 8 0.63 -4.18 -3.27
CA VAL A 8 -0.01 -4.75 -2.08
C VAL A 8 0.36 -6.24 -1.92
N ASP A 9 0.40 -6.98 -3.04
CA ASP A 9 0.70 -8.41 -3.09
C ASP A 9 2.11 -8.69 -2.58
N GLU A 10 3.12 -8.07 -3.19
CA GLU A 10 4.52 -8.25 -2.82
C GLU A 10 4.82 -7.75 -1.40
N ALA A 11 4.05 -6.80 -0.88
CA ALA A 11 4.28 -6.34 0.48
C ALA A 11 3.81 -7.44 1.44
N LEU A 12 2.65 -8.04 1.13
CA LEU A 12 2.08 -9.11 1.94
C LEU A 12 3.02 -10.31 1.93
N GLU A 13 3.82 -10.49 0.88
CA GLU A 13 4.79 -11.58 0.79
C GLU A 13 5.87 -11.44 1.86
N GLN A 14 6.19 -10.22 2.28
CA GLN A 14 7.18 -9.98 3.32
C GLN A 14 6.46 -9.92 4.69
N GLY A 15 5.13 -9.90 4.70
CA GLY A 15 4.30 -9.83 5.89
C GLY A 15 3.86 -8.41 6.20
N ILE A 16 3.88 -7.50 5.21
CA ILE A 16 3.48 -6.11 5.38
C ILE A 16 2.10 -5.86 4.80
N THR A 17 1.18 -5.47 5.69
CA THR A 17 -0.20 -5.14 5.41
C THR A 17 -0.25 -3.66 5.06
N LEU A 18 -0.94 -3.31 3.96
CA LEU A 18 -1.13 -1.93 3.52
C LEU A 18 -2.58 -1.54 3.77
N PHE A 19 -2.81 -0.28 4.12
CA PHE A 19 -4.14 0.27 4.40
C PHE A 19 -4.08 1.79 4.36
N VAL A 20 -5.21 2.45 4.54
CA VAL A 20 -5.36 3.89 4.55
C VAL A 20 -6.30 4.22 5.69
N VAL A 21 -5.94 5.21 6.51
CA VAL A 21 -6.75 5.66 7.63
C VAL A 21 -6.85 7.16 7.46
N ASN A 22 -8.06 7.69 7.33
CA ASN A 22 -8.35 9.11 7.14
C ASN A 22 -7.61 9.65 5.92
N ASN A 23 -7.62 8.89 4.83
CA ASN A 23 -6.98 9.16 3.54
C ASN A 23 -5.45 9.15 3.61
N ARG A 24 -4.86 8.78 4.75
CA ARG A 24 -3.41 8.74 4.95
C ARG A 24 -2.96 7.30 4.83
N LEU A 25 -2.05 7.02 3.89
CA LEU A 25 -1.49 5.71 3.63
C LEU A 25 -0.69 5.24 4.85
N GLN A 26 -1.03 4.09 5.41
CA GLN A 26 -0.40 3.45 6.58
C GLN A 26 -0.05 2.00 6.24
N TYR A 27 0.77 1.36 7.08
CA TYR A 27 1.17 -0.04 6.91
C TYR A 27 1.46 -0.63 8.28
N GLU A 28 1.42 -1.96 8.36
CA GLU A 28 1.67 -2.66 9.60
C GLU A 28 2.32 -4.02 9.34
N THR A 29 3.31 -4.36 10.15
CA THR A 29 4.06 -5.60 10.14
C THR A 29 4.78 -5.72 11.48
N SER A 30 5.40 -6.87 11.76
CA SER A 30 6.13 -7.17 12.97
C SER A 30 7.33 -8.00 12.53
N ARG A 31 8.36 -7.33 12.00
CA ARG A 31 9.57 -7.96 11.48
C ARG A 31 10.77 -6.99 11.52
N ASP A 32 11.89 -7.35 10.90
CA ASP A 32 13.14 -6.57 10.83
C ASP A 32 13.59 -6.41 9.37
N SER A 33 14.57 -5.52 9.15
CA SER A 33 15.20 -5.17 7.87
C SER A 33 14.20 -5.14 6.71
N ILE A 34 13.33 -4.13 6.69
CA ILE A 34 12.36 -4.01 5.61
C ILE A 34 13.12 -3.58 4.35
N PRO A 35 12.73 -4.12 3.18
CA PRO A 35 13.32 -3.81 1.91
C PRO A 35 13.08 -2.33 1.61
N THR A 36 14.10 -1.48 1.73
CA THR A 36 14.01 -0.04 1.46
C THR A 36 13.45 0.17 0.06
N GLU A 37 13.74 -0.73 -0.89
CA GLU A 37 13.25 -0.66 -2.26
C GLU A 37 11.72 -0.76 -2.32
N LEU A 38 11.12 -1.63 -1.51
CA LEU A 38 9.68 -1.84 -1.44
C LEU A 38 9.06 -0.70 -0.62
N LEU A 39 9.71 -0.31 0.47
CA LEU A 39 9.28 0.79 1.34
C LEU A 39 9.15 2.06 0.48
N ASN A 40 10.20 2.32 -0.31
CA ASN A 40 10.28 3.45 -1.21
C ASN A 40 9.20 3.37 -2.29
N LYS A 41 8.79 2.18 -2.73
CA LYS A 41 7.75 2.06 -3.73
C LYS A 41 6.42 2.55 -3.16
N TRP A 42 6.17 2.33 -1.87
CA TRP A 42 4.94 2.77 -1.23
C TRP A 42 4.84 4.29 -1.26
N LYS A 43 5.87 4.98 -0.75
CA LYS A 43 5.88 6.44 -0.73
C LYS A 43 5.82 6.97 -2.17
N GLN A 44 6.55 6.34 -3.10
CA GLN A 44 6.61 6.72 -4.50
C GLN A 44 5.24 6.82 -5.14
N HIS A 45 4.41 5.79 -4.98
CA HIS A 45 3.08 5.71 -5.57
C HIS A 45 1.99 5.84 -4.51
N LYS A 46 2.21 6.68 -3.50
CA LYS A 46 1.27 6.92 -2.40
C LYS A 46 -0.16 7.13 -2.86
N GLN A 47 -0.41 8.13 -3.70
CA GLN A 47 -1.74 8.45 -4.18
C GLN A 47 -2.38 7.25 -4.89
N GLU A 48 -1.58 6.60 -5.74
CA GLU A 48 -1.99 5.45 -6.54
C GLU A 48 -2.47 4.32 -5.63
N LEU A 49 -1.69 4.02 -4.58
CA LEU A 49 -2.00 2.98 -3.60
C LEU A 49 -3.21 3.35 -2.78
N ILE A 50 -3.28 4.60 -2.32
CA ILE A 50 -4.40 5.05 -1.51
C ILE A 50 -5.68 4.77 -2.25
N ASP A 51 -5.79 5.26 -3.48
CA ASP A 51 -6.95 5.12 -4.33
C ASP A 51 -7.44 3.67 -4.41
N PHE A 52 -6.49 2.73 -4.42
CA PHE A 52 -6.73 1.30 -4.48
C PHE A 52 -7.18 0.72 -3.13
N LEU A 53 -6.47 0.98 -2.03
CA LEU A 53 -6.81 0.47 -0.70
C LEU A 53 -8.14 1.03 -0.22
N ASN A 54 -8.45 2.27 -0.61
CA ASN A 54 -9.69 2.90 -0.21
C ASN A 54 -10.85 2.19 -0.91
N GLN A 55 -10.80 2.10 -2.24
CA GLN A 55 -11.84 1.42 -2.99
C GLN A 55 -11.90 -0.09 -2.71
N LEU A 56 -10.80 -0.69 -2.22
CA LEU A 56 -10.70 -2.12 -1.89
C LEU A 56 -11.63 -2.46 -0.74
N ASP A 57 -11.98 -1.50 0.11
CA ASP A 57 -12.83 -1.71 1.28
C ASP A 57 -14.09 -0.87 1.33
N SER A 58 -14.22 0.15 0.49
CA SER A 58 -15.40 1.02 0.47
C SER A 58 -15.87 1.40 -0.93
N GLU A 59 -15.22 0.87 -1.96
CA GLU A 59 -15.49 1.02 -3.38
C GLU A 59 -16.22 2.31 -3.77
N GLU A 60 -15.68 3.49 -3.44
CA GLU A 60 -16.28 4.78 -3.73
C GLU A 60 -15.35 5.79 -4.42
N GLN A 61 -14.11 5.42 -4.74
CA GLN A 61 -13.15 6.35 -5.37
C GLN A 61 -12.86 6.10 -6.86
N THR A 62 -13.46 5.09 -7.52
CA THR A 62 -13.19 4.80 -8.94
C THR A 62 -13.34 6.04 -9.85
N LYS A 63 -12.22 6.53 -10.40
CA LYS A 63 -12.18 7.69 -11.27
C LYS A 63 -12.68 7.32 -12.65
N GLY A 1 2.91 2.15 -16.25
CA GLY A 1 2.87 2.88 -14.96
C GLY A 1 3.18 1.89 -13.85
N ILE A 2 2.31 1.83 -12.86
CA ILE A 2 2.42 0.93 -11.73
C ILE A 2 1.04 0.32 -11.51
N ASP A 3 0.96 -0.76 -10.76
CA ASP A 3 -0.27 -1.44 -10.46
C ASP A 3 -0.25 -1.50 -8.94
N ALA A 4 -1.17 -0.79 -8.31
CA ALA A 4 -1.24 -0.73 -6.86
C ALA A 4 -1.38 -2.14 -6.28
N ALA A 5 -2.16 -3.02 -6.93
CA ALA A 5 -2.36 -4.39 -6.48
C ALA A 5 -1.04 -5.13 -6.40
N GLN A 6 -0.17 -4.94 -7.40
CA GLN A 6 1.12 -5.58 -7.44
C GLN A 6 1.93 -5.14 -6.22
N ILE A 7 1.89 -3.85 -5.85
CA ILE A 7 2.65 -3.35 -4.71
C ILE A 7 2.09 -3.88 -3.38
N VAL A 8 0.77 -3.97 -3.25
CA VAL A 8 0.15 -4.47 -2.03
C VAL A 8 0.50 -5.94 -1.82
N ASP A 9 0.47 -6.76 -2.88
CA ASP A 9 0.75 -8.17 -2.75
C ASP A 9 2.20 -8.42 -2.39
N GLU A 10 3.15 -7.81 -3.12
CA GLU A 10 4.56 -7.99 -2.81
C GLU A 10 4.90 -7.47 -1.40
N ALA A 11 4.16 -6.49 -0.88
CA ALA A 11 4.38 -5.96 0.46
C ALA A 11 3.90 -7.00 1.47
N LEU A 12 2.71 -7.55 1.23
CA LEU A 12 2.09 -8.57 2.06
C LEU A 12 2.96 -9.81 2.10
N GLU A 13 3.67 -10.12 1.01
CA GLU A 13 4.56 -11.27 0.92
C GLU A 13 5.69 -11.18 1.95
N GLN A 14 6.06 -9.96 2.36
CA GLN A 14 7.11 -9.75 3.35
C GLN A 14 6.49 -9.67 4.76
N GLY A 15 5.16 -9.63 4.84
CA GLY A 15 4.37 -9.53 6.07
C GLY A 15 3.90 -8.11 6.31
N ILE A 16 4.01 -7.20 5.33
CA ILE A 16 3.61 -5.81 5.50
C ILE A 16 2.20 -5.57 4.94
N THR A 17 1.30 -5.23 5.84
CA THR A 17 -0.09 -4.93 5.54
C THR A 17 -0.25 -3.47 5.13
N LEU A 18 -0.93 -3.22 4.02
CA LEU A 18 -1.20 -1.88 3.49
C LEU A 18 -2.68 -1.57 3.71
N PHE A 19 -2.96 -0.30 4.02
CA PHE A 19 -4.30 0.23 4.29
C PHE A 19 -4.25 1.76 4.30
N VAL A 20 -5.39 2.44 4.42
CA VAL A 20 -5.50 3.90 4.46
C VAL A 20 -6.31 4.34 5.68
N VAL A 21 -5.66 4.93 6.68
CA VAL A 21 -6.33 5.41 7.89
C VAL A 21 -6.56 6.90 7.68
N ASN A 22 -7.81 7.33 7.63
CA ASN A 22 -8.21 8.73 7.44
C ASN A 22 -7.41 9.39 6.32
N ASN A 23 -7.43 8.79 5.12
CA ASN A 23 -6.74 9.26 3.92
C ASN A 23 -5.19 9.24 4.00
N ARG A 24 -4.60 8.71 5.08
CA ARG A 24 -3.15 8.62 5.28
C ARG A 24 -2.73 7.21 4.89
N LEU A 25 -1.72 7.07 4.03
CA LEU A 25 -1.24 5.76 3.63
C LEU A 25 -0.36 5.28 4.78
N GLN A 26 -0.73 4.20 5.48
CA GLN A 26 0.08 3.67 6.58
C GLN A 26 0.20 2.16 6.35
N TYR A 27 1.05 1.51 7.13
CA TYR A 27 1.28 0.07 7.06
C TYR A 27 1.57 -0.46 8.44
N GLU A 28 1.43 -1.77 8.58
CA GLU A 28 1.63 -2.50 9.80
C GLU A 28 2.34 -3.82 9.50
N THR A 29 3.34 -4.17 10.31
CA THR A 29 4.09 -5.41 10.14
C THR A 29 4.82 -5.74 11.45
N SER A 30 5.25 -7.00 11.60
CA SER A 30 5.96 -7.52 12.75
C SER A 30 7.23 -8.20 12.25
N ARG A 31 8.22 -7.42 11.84
CA ARG A 31 9.49 -7.92 11.34
C ARG A 31 10.55 -6.85 11.38
N ASP A 32 11.72 -7.20 10.87
CA ASP A 32 12.92 -6.39 10.72
C ASP A 32 13.36 -6.52 9.26
N SER A 33 14.43 -5.83 8.89
CA SER A 33 15.02 -5.81 7.56
C SER A 33 13.96 -5.66 6.44
N ILE A 34 13.05 -4.69 6.56
CA ILE A 34 12.05 -4.49 5.52
C ILE A 34 12.80 -4.08 4.25
N PRO A 35 12.39 -4.59 3.07
CA PRO A 35 13.01 -4.23 1.81
C PRO A 35 12.81 -2.72 1.58
N THR A 36 13.84 -1.91 1.82
CA THR A 36 13.79 -0.45 1.67
C THR A 36 13.41 -0.04 0.25
N GLU A 37 13.72 -0.85 -0.76
CA GLU A 37 13.40 -0.59 -2.16
C GLU A 37 11.89 -0.69 -2.39
N LEU A 38 11.18 -1.49 -1.59
CA LEU A 38 9.73 -1.70 -1.62
C LEU A 38 9.11 -0.60 -0.77
N LEU A 39 9.72 -0.29 0.38
CA LEU A 39 9.31 0.74 1.32
C LEU A 39 9.20 2.08 0.56
N ASN A 40 10.21 2.35 -0.27
CA ASN A 40 10.30 3.54 -1.11
C ASN A 40 9.21 3.54 -2.19
N LYS A 41 8.83 2.36 -2.71
CA LYS A 41 7.80 2.25 -3.73
C LYS A 41 6.46 2.75 -3.18
N TRP A 42 6.19 2.51 -1.89
CA TRP A 42 4.96 2.97 -1.27
C TRP A 42 4.84 4.49 -1.32
N LYS A 43 5.87 5.22 -0.87
CA LYS A 43 5.82 6.68 -0.90
C LYS A 43 5.77 7.18 -2.34
N GLN A 44 6.46 6.50 -3.27
CA GLN A 44 6.49 6.87 -4.67
C GLN A 44 5.07 6.91 -5.27
N HIS A 45 4.29 5.86 -5.03
CA HIS A 45 2.93 5.72 -5.55
C HIS A 45 1.87 5.84 -4.46
N LYS A 46 2.10 6.70 -3.47
CA LYS A 46 1.18 6.92 -2.36
C LYS A 46 -0.27 7.06 -2.82
N GLN A 47 -0.60 8.02 -3.67
CA GLN A 47 -1.99 8.20 -4.09
C GLN A 47 -2.55 7.01 -4.86
N GLU A 48 -1.73 6.40 -5.71
CA GLU A 48 -2.12 5.26 -6.54
C GLU A 48 -2.50 4.08 -5.64
N LEU A 49 -1.76 3.89 -4.55
CA LEU A 49 -2.00 2.84 -3.57
C LEU A 49 -3.24 3.19 -2.76
N ILE A 50 -3.33 4.42 -2.27
CA ILE A 50 -4.48 4.84 -1.49
C ILE A 50 -5.75 4.58 -2.26
N ASP A 51 -5.78 5.01 -3.51
CA ASP A 51 -6.94 4.86 -4.35
C ASP A 51 -7.40 3.41 -4.43
N PHE A 52 -6.43 2.48 -4.48
CA PHE A 52 -6.66 1.05 -4.57
C PHE A 52 -7.18 0.49 -3.25
N LEU A 53 -6.50 0.76 -2.14
CA LEU A 53 -6.90 0.32 -0.81
C LEU A 53 -8.26 0.89 -0.44
N ASN A 54 -8.58 2.10 -0.92
CA ASN A 54 -9.85 2.74 -0.63
C ASN A 54 -10.94 2.06 -1.43
N GLN A 55 -10.73 1.87 -2.74
CA GLN A 55 -11.74 1.22 -3.57
C GLN A 55 -11.92 -0.27 -3.25
N LEU A 56 -11.02 -0.87 -2.44
CA LEU A 56 -11.06 -2.29 -2.05
C LEU A 56 -12.01 -2.51 -0.88
N ASP A 57 -12.05 -1.56 0.06
CA ASP A 57 -12.86 -1.67 1.28
C ASP A 57 -14.04 -0.71 1.31
N SER A 58 -13.84 0.54 0.91
CA SER A 58 -14.85 1.57 0.90
C SER A 58 -15.62 1.62 -0.42
N GLU A 59 -14.98 1.23 -1.53
CA GLU A 59 -15.43 1.14 -2.93
C GLU A 59 -16.19 2.32 -3.54
N GLU A 60 -16.50 3.37 -2.78
CA GLU A 60 -17.23 4.55 -3.17
C GLU A 60 -16.39 5.61 -3.90
N GLN A 61 -15.10 5.76 -3.59
CA GLN A 61 -14.26 6.79 -4.22
C GLN A 61 -13.08 6.22 -5.02
N THR A 62 -12.63 6.99 -6.00
CA THR A 62 -11.51 6.71 -6.89
C THR A 62 -11.17 7.99 -7.66
N LYS A 63 -9.91 8.42 -7.68
CA LYS A 63 -9.44 9.61 -8.40
C LYS A 63 -8.07 9.25 -8.90
N GLY A 1 3.85 2.59 -15.97
CA GLY A 1 2.61 2.40 -15.22
C GLY A 1 2.80 1.33 -14.17
N ILE A 2 2.67 1.70 -12.89
CA ILE A 2 2.78 0.82 -11.73
C ILE A 2 1.39 0.27 -11.44
N ASP A 3 1.33 -0.82 -10.68
CA ASP A 3 0.08 -1.43 -10.33
C ASP A 3 0.03 -1.38 -8.82
N ALA A 4 -0.95 -0.67 -8.30
CA ALA A 4 -1.13 -0.53 -6.87
C ALA A 4 -1.39 -1.91 -6.27
N ALA A 5 -2.10 -2.79 -7.00
CA ALA A 5 -2.42 -4.13 -6.52
C ALA A 5 -1.16 -4.96 -6.36
N GLN A 6 -0.23 -4.84 -7.30
CA GLN A 6 1.04 -5.56 -7.28
C GLN A 6 1.83 -5.16 -6.05
N ILE A 7 1.87 -3.87 -5.71
CA ILE A 7 2.62 -3.41 -4.55
C ILE A 7 2.02 -3.98 -3.26
N VAL A 8 0.68 -4.06 -3.17
CA VAL A 8 0.04 -4.60 -1.97
C VAL A 8 0.37 -6.09 -1.86
N ASP A 9 0.37 -6.82 -2.99
CA ASP A 9 0.65 -8.24 -3.03
C ASP A 9 2.05 -8.55 -2.53
N GLU A 10 3.05 -7.87 -3.09
CA GLU A 10 4.43 -8.11 -2.67
C GLU A 10 4.68 -7.61 -1.25
N ALA A 11 3.96 -6.58 -0.77
CA ALA A 11 4.17 -6.12 0.60
C ALA A 11 3.72 -7.23 1.55
N LEU A 12 2.63 -7.92 1.22
CA LEU A 12 2.08 -9.01 2.02
C LEU A 12 3.02 -10.20 2.04
N GLU A 13 3.82 -10.40 1.00
CA GLU A 13 4.79 -11.48 0.94
C GLU A 13 5.82 -11.27 2.05
N GLN A 14 6.16 -10.02 2.37
CA GLN A 14 7.14 -9.74 3.43
C GLN A 14 6.45 -9.72 4.81
N GLY A 15 5.13 -9.73 4.85
CA GLY A 15 4.33 -9.70 6.06
C GLY A 15 3.89 -8.27 6.37
N ILE A 16 3.87 -7.38 5.37
CA ILE A 16 3.48 -5.99 5.54
C ILE A 16 2.11 -5.73 4.96
N THR A 17 1.18 -5.40 5.85
CA THR A 17 -0.17 -5.05 5.53
C THR A 17 -0.17 -3.57 5.15
N LEU A 18 -0.90 -3.20 4.11
CA LEU A 18 -1.05 -1.82 3.66
C LEU A 18 -2.48 -1.42 3.98
N PHE A 19 -2.70 -0.14 4.29
CA PHE A 19 -4.05 0.35 4.60
C PHE A 19 -4.12 1.88 4.50
N VAL A 20 -5.33 2.44 4.64
CA VAL A 20 -5.59 3.86 4.58
C VAL A 20 -6.57 4.20 5.70
N VAL A 21 -6.18 5.17 6.52
CA VAL A 21 -6.99 5.65 7.62
C VAL A 21 -6.99 7.17 7.51
N ASN A 22 -8.16 7.82 7.52
CA ASN A 22 -8.27 9.27 7.38
C ASN A 22 -7.54 9.78 6.13
N ASN A 23 -7.56 8.98 5.05
CA ASN A 23 -6.91 9.24 3.76
C ASN A 23 -5.38 9.18 3.84
N ARG A 24 -4.82 8.69 4.95
CA ARG A 24 -3.38 8.58 5.20
C ARG A 24 -2.96 7.14 4.97
N LEU A 25 -2.05 6.94 4.02
CA LEU A 25 -1.55 5.61 3.70
C LEU A 25 -0.66 5.15 4.84
N GLN A 26 -1.05 4.07 5.51
CA GLN A 26 -0.31 3.49 6.61
C GLN A 26 0.00 2.03 6.26
N TYR A 27 0.92 1.43 7.00
CA TYR A 27 1.32 0.04 6.82
C TYR A 27 1.63 -0.47 8.21
N GLU A 28 1.41 -1.76 8.42
CA GLU A 28 1.64 -2.41 9.68
C GLU A 28 2.26 -3.76 9.37
N THR A 29 3.24 -4.15 10.19
CA THR A 29 3.95 -5.39 10.04
C THR A 29 4.61 -5.73 11.38
N SER A 30 5.32 -6.86 11.42
CA SER A 30 6.05 -7.36 12.56
C SER A 30 7.16 -8.18 11.96
N ARG A 31 8.30 -7.53 11.73
CA ARG A 31 9.54 -8.07 11.16
C ARG A 31 10.56 -6.95 11.02
N ASP A 32 11.81 -7.38 10.89
CA ASP A 32 12.98 -6.52 10.74
C ASP A 32 13.42 -6.42 9.28
N SER A 33 14.39 -5.54 9.02
CA SER A 33 15.00 -5.27 7.72
C SER A 33 14.00 -5.32 6.56
N ILE A 34 13.10 -4.34 6.51
CA ILE A 34 12.11 -4.27 5.44
C ILE A 34 12.86 -3.91 4.15
N PRO A 35 12.48 -4.53 3.02
CA PRO A 35 13.08 -4.25 1.72
C PRO A 35 12.87 -2.76 1.41
N THR A 36 13.95 -1.98 1.42
CA THR A 36 13.94 -0.54 1.16
C THR A 36 13.34 -0.21 -0.21
N GLU A 37 13.43 -1.12 -1.17
CA GLU A 37 12.88 -0.97 -2.52
C GLU A 37 11.37 -0.78 -2.43
N LEU A 38 10.73 -1.67 -1.67
CA LEU A 38 9.31 -1.77 -1.39
C LEU A 38 8.87 -0.55 -0.60
N LEU A 39 9.62 -0.20 0.44
CA LEU A 39 9.35 0.94 1.31
C LEU A 39 9.28 2.22 0.46
N ASN A 40 10.33 2.50 -0.31
CA ASN A 40 10.39 3.66 -1.19
C ASN A 40 9.25 3.59 -2.21
N LYS A 41 8.98 2.41 -2.77
CA LYS A 41 7.91 2.22 -3.74
C LYS A 41 6.56 2.67 -3.18
N TRP A 42 6.31 2.49 -1.88
CA TRP A 42 5.05 2.92 -1.28
C TRP A 42 4.88 4.43 -1.38
N LYS A 43 5.86 5.21 -0.90
CA LYS A 43 5.73 6.66 -0.98
C LYS A 43 5.71 7.12 -2.43
N GLN A 44 6.49 6.48 -3.30
CA GLN A 44 6.61 6.77 -4.72
C GLN A 44 5.24 6.80 -5.40
N HIS A 45 4.35 5.89 -5.01
CA HIS A 45 3.01 5.74 -5.56
C HIS A 45 1.95 5.91 -4.46
N LYS A 46 2.21 6.74 -3.45
CA LYS A 46 1.29 6.98 -2.34
C LYS A 46 -0.15 7.17 -2.78
N GLN A 47 -0.39 8.17 -3.61
CA GLN A 47 -1.71 8.52 -4.13
C GLN A 47 -2.42 7.32 -4.76
N GLU A 48 -1.69 6.56 -5.58
CA GLU A 48 -2.18 5.39 -6.31
C GLU A 48 -2.59 4.29 -5.36
N LEU A 49 -1.70 3.97 -4.41
CA LEU A 49 -1.92 2.94 -3.41
C LEU A 49 -3.14 3.30 -2.60
N ILE A 50 -3.25 4.57 -2.21
CA ILE A 50 -4.39 5.03 -1.43
C ILE A 50 -5.65 4.70 -2.20
N ASP A 51 -5.74 5.15 -3.45
CA ASP A 51 -6.90 4.91 -4.30
C ASP A 51 -7.27 3.43 -4.34
N PHE A 52 -6.26 2.54 -4.34
CA PHE A 52 -6.45 1.10 -4.36
C PHE A 52 -6.92 0.57 -3.01
N LEU A 53 -6.22 0.84 -1.90
CA LEU A 53 -6.61 0.39 -0.56
C LEU A 53 -7.99 0.94 -0.20
N ASN A 54 -8.35 2.09 -0.76
CA ASN A 54 -9.63 2.73 -0.53
C ASN A 54 -10.69 1.90 -1.25
N GLN A 55 -10.59 1.75 -2.57
CA GLN A 55 -11.56 0.98 -3.35
C GLN A 55 -11.60 -0.50 -2.97
N LEU A 56 -10.54 -1.02 -2.34
CA LEU A 56 -10.40 -2.41 -1.91
C LEU A 56 -11.42 -2.74 -0.82
N ASP A 57 -11.92 -1.71 -0.14
CA ASP A 57 -12.88 -1.88 0.93
C ASP A 57 -14.11 -0.97 0.75
N SER A 58 -13.91 0.34 0.55
CA SER A 58 -14.96 1.33 0.37
C SER A 58 -15.65 1.28 -1.00
N GLU A 59 -14.91 0.97 -2.07
CA GLU A 59 -15.35 0.88 -3.46
C GLU A 59 -16.30 2.02 -3.90
N GLU A 60 -16.01 3.27 -3.51
CA GLU A 60 -16.83 4.44 -3.85
C GLU A 60 -16.02 5.65 -4.30
N GLN A 61 -14.95 5.99 -3.59
CA GLN A 61 -14.10 7.12 -3.94
C GLN A 61 -13.52 6.83 -5.33
N THR A 62 -13.76 7.73 -6.28
CA THR A 62 -13.28 7.59 -7.65
C THR A 62 -12.62 8.90 -8.07
N LYS A 63 -11.65 8.84 -8.97
CA LYS A 63 -10.89 9.99 -9.47
C LYS A 63 -10.69 9.86 -10.98
N GLY A 1 3.62 1.53 -16.22
CA GLY A 1 3.32 2.33 -15.03
C GLY A 1 3.47 1.47 -13.81
N ILE A 2 2.57 1.61 -12.85
CA ILE A 2 2.59 0.83 -11.62
C ILE A 2 1.17 0.31 -11.40
N ASP A 3 1.06 -0.84 -10.76
CA ASP A 3 -0.19 -1.49 -10.45
C ASP A 3 -0.19 -1.53 -8.94
N ALA A 4 -1.09 -0.81 -8.30
CA ALA A 4 -1.17 -0.77 -6.85
C ALA A 4 -1.33 -2.18 -6.27
N ALA A 5 -2.10 -3.05 -6.92
CA ALA A 5 -2.32 -4.42 -6.48
C ALA A 5 -0.98 -5.16 -6.42
N GLN A 6 -0.14 -4.98 -7.44
CA GLN A 6 1.17 -5.64 -7.50
C GLN A 6 2.03 -5.23 -6.32
N ILE A 7 1.91 -3.98 -5.83
CA ILE A 7 2.67 -3.49 -4.69
C ILE A 7 2.07 -4.01 -3.38
N VAL A 8 0.74 -4.03 -3.26
CA VAL A 8 0.05 -4.51 -2.07
C VAL A 8 0.40 -5.97 -1.85
N ASP A 9 0.36 -6.75 -2.93
CA ASP A 9 0.64 -8.17 -2.94
C ASP A 9 2.04 -8.48 -2.47
N GLU A 10 3.05 -7.87 -3.10
CA GLU A 10 4.42 -8.12 -2.69
C GLU A 10 4.62 -7.67 -1.25
N ALA A 11 3.98 -6.58 -0.81
CA ALA A 11 4.16 -6.13 0.56
C ALA A 11 3.62 -7.23 1.48
N LEU A 12 2.46 -7.82 1.17
CA LEU A 12 1.91 -8.89 1.99
C LEU A 12 2.84 -10.11 1.96
N GLU A 13 3.50 -10.36 0.83
CA GLU A 13 4.42 -11.47 0.62
C GLU A 13 5.70 -11.32 1.43
N GLN A 14 5.95 -10.12 1.97
CA GLN A 14 7.11 -9.81 2.80
C GLN A 14 6.64 -9.58 4.25
N GLY A 15 5.35 -9.75 4.55
CA GLY A 15 4.79 -9.60 5.88
C GLY A 15 4.31 -8.20 6.24
N ILE A 16 4.00 -7.33 5.27
CA ILE A 16 3.54 -5.97 5.54
C ILE A 16 2.13 -5.76 5.01
N THR A 17 1.24 -5.33 5.91
CA THR A 17 -0.14 -5.02 5.64
C THR A 17 -0.22 -3.55 5.23
N LEU A 18 -0.93 -3.24 4.14
CA LEU A 18 -1.14 -1.88 3.65
C LEU A 18 -2.59 -1.52 3.91
N PHE A 19 -2.87 -0.23 4.15
CA PHE A 19 -4.21 0.29 4.41
C PHE A 19 -4.20 1.82 4.32
N VAL A 20 -5.37 2.44 4.42
CA VAL A 20 -5.53 3.88 4.38
C VAL A 20 -6.52 4.19 5.49
N VAL A 21 -6.13 5.07 6.40
CA VAL A 21 -6.99 5.47 7.50
C VAL A 21 -7.00 6.99 7.50
N ASN A 22 -8.19 7.58 7.39
CA ASN A 22 -8.40 9.03 7.32
C ASN A 22 -7.57 9.63 6.17
N ASN A 23 -7.51 8.95 5.01
CA ASN A 23 -6.75 9.34 3.82
C ASN A 23 -5.23 9.38 4.05
N ARG A 24 -4.74 8.73 5.10
CA ARG A 24 -3.31 8.67 5.43
C ARG A 24 -2.86 7.26 5.11
N LEU A 25 -1.95 7.12 4.13
CA LEU A 25 -1.42 5.81 3.75
C LEU A 25 -0.63 5.29 4.94
N GLN A 26 -1.08 4.21 5.58
CA GLN A 26 -0.41 3.60 6.72
C GLN A 26 -0.13 2.14 6.37
N TYR A 27 0.81 1.53 7.07
CA TYR A 27 1.21 0.13 6.90
C TYR A 27 1.59 -0.37 8.27
N GLU A 28 1.42 -1.67 8.48
CA GLU A 28 1.69 -2.32 9.74
C GLU A 28 2.40 -3.65 9.49
N THR A 29 3.43 -3.93 10.29
CA THR A 29 4.24 -5.14 10.20
C THR A 29 5.01 -5.30 11.52
N SER A 30 5.62 -6.47 11.74
CA SER A 30 6.39 -6.79 12.95
C SER A 30 7.66 -7.55 12.57
N ARG A 31 8.61 -6.87 11.92
CA ARG A 31 9.84 -7.53 11.50
C ARG A 31 10.96 -6.56 11.21
N ASP A 32 12.14 -7.14 11.02
CA ASP A 32 13.40 -6.48 10.71
C ASP A 32 13.75 -6.80 9.25
N SER A 33 14.79 -6.19 8.72
CA SER A 33 15.31 -6.40 7.37
C SER A 33 14.25 -6.07 6.31
N ILE A 34 13.46 -5.02 6.54
CA ILE A 34 12.42 -4.63 5.59
C ILE A 34 13.01 -4.25 4.23
N PRO A 35 12.36 -4.64 3.13
CA PRO A 35 12.78 -4.32 1.78
C PRO A 35 12.62 -2.81 1.57
N THR A 36 13.71 -2.06 1.55
CA THR A 36 13.73 -0.61 1.35
C THR A 36 13.10 -0.26 0.00
N GLU A 37 13.20 -1.16 -0.99
CA GLU A 37 12.61 -0.96 -2.32
C GLU A 37 11.09 -0.78 -2.19
N LEU A 38 10.42 -1.67 -1.44
CA LEU A 38 8.99 -1.65 -1.22
C LEU A 38 8.64 -0.41 -0.42
N LEU A 39 9.40 -0.14 0.65
CA LEU A 39 9.20 1.00 1.53
C LEU A 39 9.15 2.27 0.69
N ASN A 40 10.19 2.48 -0.11
CA ASN A 40 10.33 3.64 -1.00
C ASN A 40 9.21 3.62 -2.04
N LYS A 41 8.90 2.46 -2.62
CA LYS A 41 7.84 2.30 -3.62
C LYS A 41 6.49 2.75 -3.05
N TRP A 42 6.20 2.47 -1.79
CA TRP A 42 4.95 2.86 -1.17
C TRP A 42 4.81 4.38 -1.12
N LYS A 43 5.84 5.08 -0.64
CA LYS A 43 5.79 6.55 -0.57
C LYS A 43 5.80 7.17 -1.97
N GLN A 44 6.48 6.53 -2.92
CA GLN A 44 6.59 6.99 -4.29
C GLN A 44 5.20 7.04 -4.93
N HIS A 45 4.46 5.93 -4.87
CA HIS A 45 3.14 5.78 -5.46
C HIS A 45 2.02 5.90 -4.43
N LYS A 46 2.21 6.75 -3.41
CA LYS A 46 1.26 6.94 -2.34
C LYS A 46 -0.19 7.10 -2.81
N GLN A 47 -0.50 8.12 -3.62
CA GLN A 47 -1.90 8.30 -4.05
C GLN A 47 -2.44 7.11 -4.85
N GLU A 48 -1.60 6.50 -5.67
CA GLU A 48 -1.94 5.37 -6.53
C GLU A 48 -2.39 4.20 -5.65
N LEU A 49 -1.62 3.93 -4.59
CA LEU A 49 -1.90 2.87 -3.63
C LEU A 49 -3.16 3.22 -2.85
N ILE A 50 -3.27 4.48 -2.40
CA ILE A 50 -4.41 4.91 -1.63
C ILE A 50 -5.68 4.61 -2.39
N ASP A 51 -5.77 5.06 -3.63
CA ASP A 51 -6.95 4.86 -4.45
C ASP A 51 -7.35 3.39 -4.46
N PHE A 52 -6.36 2.50 -4.52
CA PHE A 52 -6.57 1.06 -4.56
C PHE A 52 -7.07 0.56 -3.21
N LEU A 53 -6.37 0.85 -2.11
CA LEU A 53 -6.78 0.42 -0.79
C LEU A 53 -8.13 1.03 -0.42
N ASN A 54 -8.49 2.19 -0.96
CA ASN A 54 -9.75 2.86 -0.69
C ASN A 54 -10.87 2.09 -1.39
N GLN A 55 -10.73 1.86 -2.70
CA GLN A 55 -11.74 1.14 -3.45
C GLN A 55 -11.81 -0.34 -3.05
N LEU A 56 -10.73 -0.92 -2.54
CA LEU A 56 -10.64 -2.32 -2.12
C LEU A 56 -11.49 -2.61 -0.89
N ASP A 57 -11.81 -1.58 -0.10
CA ASP A 57 -12.59 -1.73 1.13
C ASP A 57 -13.88 -0.92 1.19
N SER A 58 -13.96 0.17 0.42
CA SER A 58 -15.13 1.04 0.39
C SER A 58 -15.75 1.19 -1.01
N GLU A 59 -15.07 0.76 -2.07
CA GLU A 59 -15.45 0.76 -3.50
C GLU A 59 -16.07 2.03 -4.12
N GLU A 60 -16.20 3.15 -3.41
CA GLU A 60 -16.85 4.35 -3.92
C GLU A 60 -16.06 5.66 -3.78
N GLN A 61 -15.09 5.71 -2.88
CA GLN A 61 -14.25 6.88 -2.63
C GLN A 61 -15.04 8.19 -2.46
N THR A 62 -16.23 8.15 -1.87
CA THR A 62 -17.11 9.30 -1.64
C THR A 62 -16.57 10.28 -0.55
N LYS A 63 -15.52 9.91 0.18
CA LYS A 63 -14.91 10.68 1.27
C LYS A 63 -13.59 11.32 0.89
N GLY A 1 4.23 3.04 -15.63
CA GLY A 1 3.05 2.24 -15.29
C GLY A 1 3.34 1.34 -14.10
N ILE A 2 2.60 1.56 -13.02
CA ILE A 2 2.66 0.81 -11.78
C ILE A 2 1.24 0.38 -11.50
N ASP A 3 1.09 -0.68 -10.72
CA ASP A 3 -0.19 -1.24 -10.35
C ASP A 3 -0.16 -1.27 -8.84
N ALA A 4 -1.10 -0.58 -8.22
CA ALA A 4 -1.20 -0.52 -6.78
C ALA A 4 -1.32 -1.94 -6.20
N ALA A 5 -2.12 -2.78 -6.86
CA ALA A 5 -2.37 -4.16 -6.48
C ALA A 5 -1.08 -4.96 -6.40
N GLN A 6 -0.21 -4.80 -7.40
CA GLN A 6 1.07 -5.51 -7.45
C GLN A 6 1.91 -5.20 -6.22
N ILE A 7 1.91 -3.93 -5.79
CA ILE A 7 2.66 -3.46 -4.65
C ILE A 7 2.09 -4.02 -3.34
N VAL A 8 0.77 -4.10 -3.20
CA VAL A 8 0.15 -4.62 -1.99
C VAL A 8 0.43 -6.12 -1.88
N ASP A 9 0.37 -6.84 -2.99
CA ASP A 9 0.60 -8.28 -3.05
C ASP A 9 2.01 -8.60 -2.54
N GLU A 10 3.04 -7.98 -3.13
CA GLU A 10 4.41 -8.22 -2.72
C GLU A 10 4.64 -7.80 -1.26
N ALA A 11 4.02 -6.71 -0.81
CA ALA A 11 4.19 -6.26 0.55
C ALA A 11 3.61 -7.31 1.51
N LEU A 12 2.45 -7.87 1.18
CA LEU A 12 1.81 -8.88 2.02
C LEU A 12 2.61 -10.17 2.03
N GLU A 13 3.36 -10.47 0.97
CA GLU A 13 4.19 -11.67 0.90
C GLU A 13 5.36 -11.52 1.88
N GLN A 14 5.78 -10.28 2.14
CA GLN A 14 6.85 -9.92 3.05
C GLN A 14 6.31 -9.75 4.48
N GLY A 15 4.98 -9.81 4.68
CA GLY A 15 4.36 -9.67 5.99
C GLY A 15 3.95 -8.23 6.30
N ILE A 16 3.93 -7.34 5.31
CA ILE A 16 3.58 -5.95 5.50
C ILE A 16 2.19 -5.68 4.94
N THR A 17 1.27 -5.35 5.84
CA THR A 17 -0.10 -5.03 5.56
C THR A 17 -0.15 -3.57 5.13
N LEU A 18 -0.89 -3.24 4.06
CA LEU A 18 -1.08 -1.88 3.57
C LEU A 18 -2.52 -1.51 3.85
N PHE A 19 -2.78 -0.25 4.18
CA PHE A 19 -4.13 0.24 4.48
C PHE A 19 -4.19 1.76 4.45
N VAL A 20 -5.37 2.34 4.62
CA VAL A 20 -5.59 3.78 4.64
C VAL A 20 -6.58 4.07 5.76
N VAL A 21 -6.28 5.08 6.57
CA VAL A 21 -7.13 5.50 7.67
C VAL A 21 -7.14 7.02 7.60
N ASN A 22 -8.30 7.67 7.67
CA ASN A 22 -8.42 9.13 7.59
C ASN A 22 -7.65 9.68 6.37
N ASN A 23 -7.63 8.93 5.26
CA ASN A 23 -6.96 9.22 3.98
C ASN A 23 -5.43 9.21 4.09
N ARG A 24 -4.88 8.78 5.22
CA ARG A 24 -3.45 8.68 5.48
C ARG A 24 -3.02 7.29 5.11
N LEU A 25 -2.00 7.14 4.24
CA LEU A 25 -1.56 5.80 3.88
C LEU A 25 -0.83 5.25 5.10
N GLN A 26 -1.25 4.09 5.59
CA GLN A 26 -0.70 3.42 6.73
C GLN A 26 -0.27 2.00 6.34
N TYR A 27 0.68 1.45 7.09
CA TYR A 27 1.18 0.11 6.89
C TYR A 27 1.55 -0.41 8.26
N GLU A 28 1.44 -1.71 8.44
CA GLU A 28 1.73 -2.39 9.66
C GLU A 28 2.47 -3.67 9.28
N THR A 29 3.45 -4.05 10.08
CA THR A 29 4.28 -5.22 9.88
C THR A 29 4.89 -5.58 11.23
N SER A 30 5.59 -6.71 11.30
CA SER A 30 6.23 -7.18 12.51
C SER A 30 7.54 -7.86 12.15
N ARG A 31 8.46 -7.12 11.52
CA ARG A 31 9.75 -7.64 11.11
C ARG A 31 10.80 -6.54 10.96
N ASP A 32 12.05 -6.99 10.97
CA ASP A 32 13.26 -6.19 10.82
C ASP A 32 13.71 -6.24 9.36
N SER A 33 14.69 -5.39 9.04
CA SER A 33 15.31 -5.28 7.73
C SER A 33 14.30 -5.19 6.58
N ILE A 34 13.27 -4.34 6.70
CA ILE A 34 12.30 -4.20 5.62
C ILE A 34 13.05 -3.82 4.34
N PRO A 35 12.67 -4.42 3.20
CA PRO A 35 13.29 -4.14 1.92
C PRO A 35 13.01 -2.66 1.61
N THR A 36 14.03 -1.80 1.73
CA THR A 36 13.92 -0.37 1.48
C THR A 36 13.47 -0.14 0.02
N GLU A 37 13.72 -1.10 -0.87
CA GLU A 37 13.33 -1.06 -2.28
C GLU A 37 11.80 -1.00 -2.36
N LEU A 38 11.10 -1.76 -1.51
CA LEU A 38 9.65 -1.80 -1.48
C LEU A 38 9.13 -0.60 -0.69
N LEU A 39 9.78 -0.28 0.43
CA LEU A 39 9.40 0.85 1.29
C LEU A 39 9.35 2.13 0.45
N ASN A 40 10.41 2.38 -0.32
CA ASN A 40 10.49 3.55 -1.18
C ASN A 40 9.44 3.45 -2.28
N LYS A 41 9.14 2.25 -2.82
CA LYS A 41 8.10 2.09 -3.83
C LYS A 41 6.77 2.56 -3.23
N TRP A 42 6.47 2.29 -1.96
CA TRP A 42 5.21 2.74 -1.35
C TRP A 42 5.06 4.25 -1.43
N LYS A 43 6.05 5.00 -0.92
CA LYS A 43 5.96 6.47 -0.97
C LYS A 43 5.98 6.98 -2.42
N GLN A 44 6.65 6.27 -3.33
CA GLN A 44 6.75 6.63 -4.74
C GLN A 44 5.38 6.76 -5.39
N HIS A 45 4.44 5.87 -5.04
CA HIS A 45 3.10 5.84 -5.60
C HIS A 45 2.03 5.86 -4.50
N LYS A 46 2.24 6.69 -3.47
CA LYS A 46 1.34 6.83 -2.33
C LYS A 46 -0.10 7.03 -2.79
N GLN A 47 -0.39 8.02 -3.64
CA GLN A 47 -1.77 8.26 -4.06
C GLN A 47 -2.34 7.06 -4.80
N GLU A 48 -1.56 6.40 -5.64
CA GLU A 48 -2.00 5.25 -6.42
C GLU A 48 -2.43 4.14 -5.44
N LEU A 49 -1.60 3.85 -4.44
CA LEU A 49 -1.90 2.85 -3.42
C LEU A 49 -3.13 3.26 -2.65
N ILE A 50 -3.20 4.51 -2.20
CA ILE A 50 -4.36 5.01 -1.45
C ILE A 50 -5.64 4.73 -2.18
N ASP A 51 -5.71 5.17 -3.44
CA ASP A 51 -6.89 5.01 -4.28
C ASP A 51 -7.32 3.56 -4.32
N PHE A 52 -6.35 2.64 -4.35
CA PHE A 52 -6.55 1.20 -4.41
C PHE A 52 -7.07 0.65 -3.08
N LEU A 53 -6.39 0.93 -1.96
CA LEU A 53 -6.79 0.47 -0.63
C LEU A 53 -8.16 1.05 -0.27
N ASN A 54 -8.48 2.25 -0.77
CA ASN A 54 -9.75 2.90 -0.51
C ASN A 54 -10.86 2.15 -1.24
N GLN A 55 -10.74 2.00 -2.56
CA GLN A 55 -11.75 1.31 -3.37
C GLN A 55 -11.83 -0.21 -3.08
N LEU A 56 -10.91 -0.77 -2.29
CA LEU A 56 -10.88 -2.20 -1.98
C LEU A 56 -12.16 -2.64 -1.30
N ASP A 57 -12.51 -1.93 -0.22
CA ASP A 57 -13.68 -2.22 0.60
C ASP A 57 -14.74 -1.15 0.49
N SER A 58 -14.33 0.13 0.50
CA SER A 58 -15.31 1.21 0.39
C SER A 58 -15.96 1.19 -0.99
N GLU A 59 -15.16 0.90 -2.03
CA GLU A 59 -15.50 0.81 -3.47
C GLU A 59 -16.31 2.00 -4.03
N GLU A 60 -16.47 3.07 -3.26
CA GLU A 60 -17.23 4.28 -3.57
C GLU A 60 -16.39 5.46 -4.05
N GLN A 61 -15.05 5.41 -3.99
CA GLN A 61 -14.20 6.50 -4.43
C GLN A 61 -12.96 6.00 -5.14
N THR A 62 -12.59 6.69 -6.23
CA THR A 62 -11.42 6.44 -7.07
C THR A 62 -11.34 7.59 -8.09
N LYS A 63 -10.17 7.86 -8.67
CA LYS A 63 -9.97 8.92 -9.67
C LYS A 63 -8.66 8.67 -10.37
N GLY A 1 3.45 0.96 -16.33
CA GLY A 1 3.71 1.91 -15.24
C GLY A 1 3.80 1.17 -13.94
N ILE A 2 2.83 1.37 -13.04
CA ILE A 2 2.77 0.70 -11.77
C ILE A 2 1.33 0.32 -11.52
N ASP A 3 1.14 -0.62 -10.60
CA ASP A 3 -0.14 -1.12 -10.19
C ASP A 3 -0.05 -1.25 -8.69
N ALA A 4 -0.95 -0.57 -8.03
CA ALA A 4 -1.05 -0.58 -6.59
C ALA A 4 -1.29 -2.03 -6.14
N ALA A 5 -2.08 -2.79 -6.89
CA ALA A 5 -2.39 -4.18 -6.60
C ALA A 5 -1.09 -5.00 -6.47
N GLN A 6 -0.18 -4.79 -7.41
CA GLN A 6 1.11 -5.46 -7.45
C GLN A 6 1.93 -5.08 -6.22
N ILE A 7 1.95 -3.79 -5.84
CA ILE A 7 2.72 -3.35 -4.68
C ILE A 7 2.11 -3.92 -3.39
N VAL A 8 0.78 -3.98 -3.31
CA VAL A 8 0.08 -4.50 -2.13
C VAL A 8 0.42 -5.98 -1.95
N ASP A 9 0.43 -6.76 -3.02
CA ASP A 9 0.71 -8.18 -2.90
C ASP A 9 2.13 -8.48 -2.46
N GLU A 10 3.14 -7.81 -3.03
CA GLU A 10 4.53 -8.03 -2.63
C GLU A 10 4.75 -7.55 -1.20
N ALA A 11 4.00 -6.52 -0.73
CA ALA A 11 4.15 -6.03 0.62
C ALA A 11 3.62 -7.13 1.54
N LEU A 12 2.46 -7.70 1.20
CA LEU A 12 1.82 -8.76 1.94
C LEU A 12 2.71 -10.00 1.97
N GLU A 13 3.51 -10.24 0.92
CA GLU A 13 4.42 -11.36 0.87
C GLU A 13 5.43 -11.27 2.01
N GLN A 14 5.86 -10.06 2.37
CA GLN A 14 6.81 -9.91 3.47
C GLN A 14 6.06 -9.93 4.81
N GLY A 15 4.75 -9.72 4.79
CA GLY A 15 3.86 -9.66 5.95
C GLY A 15 3.46 -8.22 6.24
N ILE A 16 3.77 -7.31 5.32
CA ILE A 16 3.47 -5.90 5.46
C ILE A 16 2.08 -5.63 4.91
N THR A 17 1.17 -5.39 5.83
CA THR A 17 -0.21 -5.07 5.51
C THR A 17 -0.27 -3.59 5.18
N LEU A 18 -0.99 -3.24 4.12
CA LEU A 18 -1.20 -1.88 3.67
C LEU A 18 -2.64 -1.50 3.94
N PHE A 19 -2.88 -0.23 4.25
CA PHE A 19 -4.21 0.28 4.55
C PHE A 19 -4.21 1.81 4.50
N VAL A 20 -5.39 2.41 4.64
CA VAL A 20 -5.55 3.86 4.65
C VAL A 20 -6.56 4.24 5.73
N VAL A 21 -6.17 5.14 6.62
CA VAL A 21 -6.99 5.64 7.72
C VAL A 21 -7.07 7.15 7.54
N ASN A 22 -8.28 7.68 7.40
CA ASN A 22 -8.55 9.10 7.21
C ASN A 22 -7.63 9.68 6.15
N ASN A 23 -7.52 9.00 4.99
CA ASN A 23 -6.71 9.33 3.83
C ASN A 23 -5.18 9.23 4.05
N ARG A 24 -4.71 8.84 5.24
CA ARG A 24 -3.28 8.70 5.56
C ARG A 24 -2.92 7.25 5.29
N LEU A 25 -1.96 6.99 4.38
CA LEU A 25 -1.52 5.64 4.02
C LEU A 25 -0.61 5.08 5.12
N GLN A 26 -1.08 4.09 5.88
CA GLN A 26 -0.28 3.47 6.94
C GLN A 26 -0.03 1.99 6.58
N TYR A 27 0.88 1.34 7.30
CA TYR A 27 1.22 -0.05 7.12
C TYR A 27 1.47 -0.66 8.49
N GLU A 28 1.28 -1.97 8.59
CA GLU A 28 1.44 -2.72 9.81
C GLU A 28 2.21 -3.99 9.48
N THR A 29 3.30 -4.23 10.19
CA THR A 29 4.17 -5.38 10.05
C THR A 29 4.99 -5.55 11.33
N SER A 30 5.69 -6.67 11.41
CA SER A 30 6.56 -7.05 12.51
C SER A 30 7.71 -7.85 11.93
N ARG A 31 8.72 -7.15 11.41
CA ARG A 31 9.93 -7.74 10.85
C ARG A 31 11.02 -6.68 10.82
N ASP A 32 12.27 -7.12 10.88
CA ASP A 32 13.45 -6.26 10.86
C ASP A 32 14.03 -6.31 9.45
N SER A 33 14.90 -5.36 9.09
CA SER A 33 15.56 -5.27 7.79
C SER A 33 14.55 -5.22 6.63
N ILE A 34 13.47 -4.44 6.71
CA ILE A 34 12.47 -4.34 5.65
C ILE A 34 13.12 -3.99 4.30
N PRO A 35 12.64 -4.58 3.19
CA PRO A 35 13.16 -4.29 1.86
C PRO A 35 12.87 -2.81 1.57
N THR A 36 13.91 -1.97 1.57
CA THR A 36 13.80 -0.54 1.32
C THR A 36 13.26 -0.27 -0.09
N GLU A 37 13.43 -1.20 -1.03
CA GLU A 37 12.92 -1.05 -2.39
C GLU A 37 11.39 -0.96 -2.35
N LEU A 38 10.76 -1.75 -1.47
CA LEU A 38 9.31 -1.81 -1.26
C LEU A 38 8.90 -0.53 -0.54
N LEU A 39 9.60 -0.21 0.55
CA LEU A 39 9.32 0.98 1.37
C LEU A 39 9.26 2.21 0.46
N ASN A 40 10.30 2.39 -0.36
CA ASN A 40 10.37 3.51 -1.30
C ASN A 40 9.26 3.40 -2.33
N LYS A 41 8.93 2.21 -2.84
CA LYS A 41 7.86 2.06 -3.82
C LYS A 41 6.53 2.56 -3.25
N TRP A 42 6.28 2.35 -1.96
CA TRP A 42 5.06 2.79 -1.32
C TRP A 42 4.92 4.31 -1.39
N LYS A 43 5.96 5.05 -0.96
CA LYS A 43 5.90 6.51 -1.03
C LYS A 43 5.84 6.97 -2.49
N GLN A 44 6.57 6.31 -3.39
CA GLN A 44 6.64 6.62 -4.81
C GLN A 44 5.26 6.65 -5.45
N HIS A 45 4.36 5.74 -5.08
CA HIS A 45 3.01 5.63 -5.63
C HIS A 45 1.93 5.73 -4.55
N LYS A 46 2.18 6.51 -3.50
CA LYS A 46 1.27 6.72 -2.37
C LYS A 46 -0.16 7.02 -2.80
N GLN A 47 -0.44 8.01 -3.66
CA GLN A 47 -1.83 8.29 -4.04
C GLN A 47 -2.47 7.12 -4.79
N GLU A 48 -1.69 6.42 -5.61
CA GLU A 48 -2.16 5.28 -6.39
C GLU A 48 -2.58 4.14 -5.45
N LEU A 49 -1.75 3.89 -4.44
CA LEU A 49 -1.98 2.87 -3.43
C LEU A 49 -3.20 3.25 -2.62
N ILE A 50 -3.28 4.51 -2.18
CA ILE A 50 -4.43 4.96 -1.40
C ILE A 50 -5.69 4.70 -2.17
N ASP A 51 -5.74 5.19 -3.41
CA ASP A 51 -6.85 5.04 -4.32
C ASP A 51 -7.26 3.57 -4.39
N PHE A 52 -6.29 2.64 -4.40
CA PHE A 52 -6.53 1.21 -4.46
C PHE A 52 -7.06 0.65 -3.14
N LEU A 53 -6.36 0.85 -2.02
CA LEU A 53 -6.76 0.35 -0.71
C LEU A 53 -8.15 0.88 -0.34
N ASN A 54 -8.50 2.08 -0.82
CA ASN A 54 -9.79 2.69 -0.57
C ASN A 54 -10.85 1.97 -1.40
N GLN A 55 -10.70 1.91 -2.72
CA GLN A 55 -11.68 1.24 -3.58
C GLN A 55 -11.79 -0.26 -3.32
N LEU A 56 -10.74 -0.86 -2.73
CA LEU A 56 -10.65 -2.28 -2.39
C LEU A 56 -11.67 -2.66 -1.31
N ASP A 57 -12.11 -1.71 -0.49
CA ASP A 57 -13.06 -1.99 0.58
C ASP A 57 -14.24 -1.03 0.59
N SER A 58 -13.99 0.27 0.49
CA SER A 58 -15.03 1.28 0.47
C SER A 58 -15.76 1.28 -0.88
N GLU A 59 -15.09 0.90 -1.97
CA GLU A 59 -15.58 0.80 -3.36
C GLU A 59 -16.47 1.97 -3.83
N GLU A 60 -16.25 3.18 -3.29
CA GLU A 60 -17.03 4.37 -3.64
C GLU A 60 -16.21 5.67 -3.62
N GLN A 61 -14.88 5.57 -3.52
CA GLN A 61 -13.97 6.66 -3.46
C GLN A 61 -13.95 7.46 -4.76
N THR A 62 -13.89 8.78 -4.63
CA THR A 62 -13.83 9.72 -5.72
C THR A 62 -13.12 10.98 -5.19
N LYS A 63 -13.00 12.00 -6.02
CA LYS A 63 -12.33 13.24 -5.66
C LYS A 63 -13.27 14.40 -5.90
N GLY A 1 4.88 2.48 -15.71
CA GLY A 1 3.71 2.64 -14.85
C GLY A 1 3.81 1.74 -13.64
N ILE A 2 2.77 1.68 -12.82
CA ILE A 2 2.73 0.84 -11.62
C ILE A 2 1.29 0.37 -11.46
N ASP A 3 1.10 -0.72 -10.71
CA ASP A 3 -0.20 -1.30 -10.46
C ASP A 3 -0.27 -1.36 -8.94
N ALA A 4 -1.16 -0.58 -8.35
CA ALA A 4 -1.33 -0.53 -6.91
C ALA A 4 -1.52 -1.91 -6.29
N ALA A 5 -2.35 -2.76 -6.90
CA ALA A 5 -2.62 -4.10 -6.42
C ALA A 5 -1.36 -4.98 -6.40
N GLN A 6 -0.44 -4.76 -7.33
CA GLN A 6 0.81 -5.51 -7.39
C GLN A 6 1.65 -5.16 -6.16
N ILE A 7 1.70 -3.88 -5.78
CA ILE A 7 2.47 -3.43 -4.63
C ILE A 7 1.90 -4.05 -3.34
N VAL A 8 0.57 -4.14 -3.21
CA VAL A 8 -0.06 -4.70 -2.01
C VAL A 8 0.28 -6.19 -1.90
N ASP A 9 0.27 -6.91 -3.03
CA ASP A 9 0.55 -8.34 -3.10
C ASP A 9 1.97 -8.63 -2.63
N GLU A 10 2.98 -7.96 -3.22
CA GLU A 10 4.37 -8.18 -2.82
C GLU A 10 4.60 -7.74 -1.38
N ALA A 11 3.94 -6.68 -0.91
CA ALA A 11 4.13 -6.24 0.46
C ALA A 11 3.64 -7.36 1.40
N LEU A 12 2.53 -8.03 1.08
CA LEU A 12 1.99 -9.12 1.91
C LEU A 12 2.89 -10.34 1.91
N GLU A 13 3.64 -10.57 0.84
CA GLU A 13 4.55 -11.72 0.76
C GLU A 13 5.65 -11.55 1.81
N GLN A 14 6.06 -10.30 1.98
CA GLN A 14 7.08 -9.90 2.90
C GLN A 14 6.49 -9.80 4.31
N GLY A 15 5.16 -9.79 4.46
CA GLY A 15 4.46 -9.70 5.73
C GLY A 15 4.02 -8.28 6.10
N ILE A 16 3.89 -7.37 5.13
CA ILE A 16 3.46 -5.99 5.34
C ILE A 16 2.05 -5.81 4.77
N THR A 17 1.14 -5.44 5.66
CA THR A 17 -0.25 -5.16 5.39
C THR A 17 -0.33 -3.67 5.00
N LEU A 18 -1.06 -3.32 3.93
CA LEU A 18 -1.24 -1.93 3.49
C LEU A 18 -2.68 -1.55 3.73
N PHE A 19 -2.91 -0.29 4.09
CA PHE A 19 -4.25 0.22 4.37
C PHE A 19 -4.20 1.74 4.44
N VAL A 20 -5.35 2.39 4.53
CA VAL A 20 -5.46 3.83 4.62
C VAL A 20 -6.33 4.11 5.85
N VAL A 21 -5.98 5.16 6.59
CA VAL A 21 -6.70 5.59 7.78
C VAL A 21 -6.85 7.09 7.60
N ASN A 22 -8.10 7.58 7.57
CA ASN A 22 -8.40 9.00 7.39
C ASN A 22 -7.67 9.60 6.17
N ASN A 23 -7.60 8.87 5.05
CA ASN A 23 -6.95 9.23 3.79
C ASN A 23 -5.41 9.21 3.84
N ARG A 24 -4.81 8.87 4.99
CA ARG A 24 -3.37 8.79 5.19
C ARG A 24 -2.97 7.34 4.99
N LEU A 25 -2.16 7.04 3.98
CA LEU A 25 -1.69 5.69 3.68
C LEU A 25 -0.78 5.21 4.81
N GLN A 26 -1.10 4.06 5.41
CA GLN A 26 -0.38 3.40 6.49
C GLN A 26 -0.07 1.94 6.18
N TYR A 27 0.70 1.29 7.05
CA TYR A 27 1.09 -0.10 6.91
C TYR A 27 1.40 -0.71 8.27
N GLU A 28 1.46 -2.04 8.33
CA GLU A 28 1.73 -2.78 9.55
C GLU A 28 2.46 -4.09 9.26
N THR A 29 3.45 -4.41 10.10
CA THR A 29 4.28 -5.60 10.06
C THR A 29 4.94 -5.75 11.44
N SER A 30 5.63 -6.86 11.69
CA SER A 30 6.32 -7.16 12.95
C SER A 30 7.76 -7.60 12.76
N ARG A 31 8.32 -7.51 11.54
CA ARG A 31 9.69 -7.92 11.28
C ARG A 31 10.65 -6.73 11.22
N ASP A 32 11.94 -7.05 11.15
CA ASP A 32 13.05 -6.10 11.04
C ASP A 32 13.55 -6.04 9.59
N SER A 33 14.55 -5.22 9.32
CA SER A 33 15.20 -5.04 8.01
C SER A 33 14.24 -5.03 6.82
N ILE A 34 13.22 -4.18 6.86
CA ILE A 34 12.27 -4.10 5.74
C ILE A 34 13.05 -3.72 4.48
N PRO A 35 12.67 -4.28 3.32
CA PRO A 35 13.31 -3.97 2.05
C PRO A 35 13.10 -2.49 1.75
N THR A 36 14.16 -1.68 1.85
CA THR A 36 14.07 -0.25 1.59
C THR A 36 13.53 0.00 0.17
N GLU A 37 13.81 -0.90 -0.78
CA GLU A 37 13.33 -0.79 -2.15
C GLU A 37 11.80 -0.76 -2.18
N LEU A 38 11.14 -1.71 -1.49
CA LEU A 38 9.68 -1.75 -1.46
C LEU A 38 9.16 -0.59 -0.60
N LEU A 39 9.85 -0.25 0.49
CA LEU A 39 9.48 0.84 1.39
C LEU A 39 9.32 2.11 0.57
N ASN A 40 10.35 2.41 -0.23
CA ASN A 40 10.40 3.58 -1.11
C ASN A 40 9.33 3.45 -2.18
N LYS A 41 9.08 2.25 -2.73
CA LYS A 41 8.05 2.07 -3.76
C LYS A 41 6.68 2.48 -3.18
N TRP A 42 6.43 2.26 -1.89
CA TRP A 42 5.16 2.63 -1.27
C TRP A 42 4.97 4.15 -1.32
N LYS A 43 5.95 4.92 -0.83
CA LYS A 43 5.81 6.38 -0.84
C LYS A 43 5.78 6.91 -2.27
N GLN A 44 6.55 6.31 -3.18
CA GLN A 44 6.65 6.70 -4.59
C GLN A 44 5.30 6.74 -5.31
N HIS A 45 4.40 5.82 -4.94
CA HIS A 45 3.08 5.69 -5.54
C HIS A 45 1.99 5.81 -4.48
N LYS A 46 2.19 6.69 -3.49
CA LYS A 46 1.26 6.93 -2.41
C LYS A 46 -0.18 7.13 -2.89
N GLN A 47 -0.46 8.12 -3.74
CA GLN A 47 -1.82 8.34 -4.22
C GLN A 47 -2.38 7.16 -4.99
N GLU A 48 -1.55 6.48 -5.77
CA GLU A 48 -1.95 5.34 -6.58
C GLU A 48 -2.43 4.23 -5.65
N LEU A 49 -1.67 3.95 -4.59
CA LEU A 49 -1.99 2.93 -3.60
C LEU A 49 -3.24 3.35 -2.85
N ILE A 50 -3.34 4.61 -2.44
CA ILE A 50 -4.50 5.11 -1.72
C ILE A 50 -5.75 4.81 -2.56
N ASP A 51 -5.71 5.16 -3.85
CA ASP A 51 -6.82 4.96 -4.79
C ASP A 51 -7.22 3.50 -4.97
N PHE A 52 -6.44 2.57 -4.44
CA PHE A 52 -6.68 1.14 -4.49
C PHE A 52 -7.14 0.69 -3.11
N LEU A 53 -6.39 0.96 -2.04
CA LEU A 53 -6.74 0.56 -0.67
C LEU A 53 -8.06 1.19 -0.21
N ASN A 54 -8.44 2.35 -0.75
CA ASN A 54 -9.68 3.02 -0.39
C ASN A 54 -10.85 2.22 -0.99
N GLN A 55 -10.81 2.05 -2.31
CA GLN A 55 -11.83 1.31 -3.05
C GLN A 55 -11.86 -0.18 -2.68
N LEU A 56 -10.78 -0.72 -2.10
CA LEU A 56 -10.69 -2.13 -1.70
C LEU A 56 -11.67 -2.47 -0.59
N ASP A 57 -11.93 -1.51 0.31
CA ASP A 57 -12.80 -1.69 1.45
C ASP A 57 -14.09 -0.88 1.37
N SER A 58 -14.01 0.36 0.89
CA SER A 58 -15.15 1.26 0.78
C SER A 58 -15.79 1.31 -0.62
N GLU A 59 -15.14 0.76 -1.64
CA GLU A 59 -15.57 0.72 -3.03
C GLU A 59 -16.06 2.05 -3.61
N GLU A 60 -15.58 3.18 -3.07
CA GLU A 60 -15.91 4.54 -3.48
C GLU A 60 -14.60 5.35 -3.57
N GLN A 61 -14.72 6.67 -3.67
CA GLN A 61 -13.70 7.68 -3.77
C GLN A 61 -12.76 7.49 -4.97
N THR A 62 -13.17 6.69 -5.96
CA THR A 62 -12.44 6.39 -7.18
C THR A 62 -12.06 7.72 -7.85
N LYS A 63 -10.76 7.99 -7.99
CA LYS A 63 -10.31 9.22 -8.61
C LYS A 63 -10.01 8.96 -10.07
N GLY A 1 4.58 1.16 -16.12
CA GLY A 1 3.95 1.84 -14.99
C GLY A 1 4.10 1.00 -13.73
N ILE A 2 3.11 1.06 -12.85
CA ILE A 2 3.04 0.34 -11.58
C ILE A 2 1.60 -0.13 -11.41
N ASP A 3 1.37 -0.99 -10.42
CA ASP A 3 0.07 -1.51 -10.12
C ASP A 3 0.02 -1.52 -8.60
N ALA A 4 -0.93 -0.80 -8.04
CA ALA A 4 -1.10 -0.74 -6.60
C ALA A 4 -1.34 -2.15 -6.05
N ALA A 5 -2.11 -2.97 -6.77
CA ALA A 5 -2.41 -4.34 -6.39
C ALA A 5 -1.13 -5.19 -6.30
N GLN A 6 -0.16 -4.94 -7.20
CA GLN A 6 1.09 -5.69 -7.21
C GLN A 6 1.89 -5.32 -5.98
N ILE A 7 1.85 -4.04 -5.56
CA ILE A 7 2.57 -3.57 -4.40
C ILE A 7 1.95 -4.17 -3.13
N VAL A 8 0.62 -4.30 -3.10
CA VAL A 8 -0.08 -4.87 -1.94
C VAL A 8 0.27 -6.37 -1.86
N ASP A 9 0.32 -7.08 -2.99
CA ASP A 9 0.62 -8.51 -3.05
C ASP A 9 2.03 -8.80 -2.52
N GLU A 10 3.03 -8.08 -3.02
CA GLU A 10 4.41 -8.28 -2.57
C GLU A 10 4.57 -7.85 -1.11
N ALA A 11 3.88 -6.79 -0.67
CA ALA A 11 3.98 -6.37 0.71
C ALA A 11 3.40 -7.48 1.59
N LEU A 12 2.26 -8.07 1.18
CA LEU A 12 1.65 -9.16 1.94
C LEU A 12 2.56 -10.38 1.96
N GLU A 13 3.32 -10.63 0.89
CA GLU A 13 4.27 -11.75 0.83
C GLU A 13 5.36 -11.54 1.87
N GLN A 14 5.75 -10.28 2.06
CA GLN A 14 6.76 -9.86 3.01
C GLN A 14 6.15 -9.76 4.43
N GLY A 15 4.84 -9.95 4.59
CA GLY A 15 4.16 -9.90 5.87
C GLY A 15 3.80 -8.49 6.30
N ILE A 16 3.56 -7.60 5.34
CA ILE A 16 3.22 -6.22 5.56
C ILE A 16 1.86 -5.93 4.94
N THR A 17 0.96 -5.50 5.81
CA THR A 17 -0.39 -5.14 5.44
C THR A 17 -0.38 -3.64 5.10
N LEU A 18 -1.13 -3.25 4.07
CA LEU A 18 -1.29 -1.87 3.62
C LEU A 18 -2.73 -1.46 3.90
N PHE A 19 -2.95 -0.15 4.08
CA PHE A 19 -4.27 0.42 4.36
C PHE A 19 -4.21 1.95 4.36
N VAL A 20 -5.38 2.61 4.37
CA VAL A 20 -5.51 4.06 4.37
C VAL A 20 -6.41 4.47 5.53
N VAL A 21 -5.83 5.00 6.60
CA VAL A 21 -6.55 5.42 7.80
C VAL A 21 -6.74 6.93 7.71
N ASN A 22 -7.99 7.41 7.76
CA ASN A 22 -8.36 8.82 7.68
C ASN A 22 -7.56 9.52 6.58
N ASN A 23 -7.62 8.97 5.37
CA ASN A 23 -6.93 9.45 4.18
C ASN A 23 -5.41 9.61 4.36
N ARG A 24 -4.76 8.69 5.06
CA ARG A 24 -3.31 8.68 5.31
C ARG A 24 -2.83 7.26 5.08
N LEU A 25 -1.95 7.05 4.10
CA LEU A 25 -1.41 5.73 3.76
C LEU A 25 -0.48 5.25 4.86
N GLN A 26 -0.89 4.17 5.53
CA GLN A 26 -0.16 3.53 6.61
C GLN A 26 0.05 2.06 6.27
N TYR A 27 0.70 1.32 7.16
CA TYR A 27 0.99 -0.09 6.99
C TYR A 27 1.27 -0.68 8.36
N GLU A 28 1.31 -2.01 8.44
CA GLU A 28 1.56 -2.74 9.68
C GLU A 28 2.30 -4.03 9.35
N THR A 29 3.34 -4.34 10.13
CA THR A 29 4.17 -5.53 10.01
C THR A 29 4.97 -5.70 11.30
N SER A 30 5.65 -6.85 11.46
CA SER A 30 6.49 -7.18 12.59
C SER A 30 7.72 -7.93 12.08
N ARG A 31 8.58 -7.23 11.36
CA ARG A 31 9.80 -7.75 10.76
C ARG A 31 10.87 -6.66 10.82
N ASP A 32 12.12 -7.02 10.58
CA ASP A 32 13.24 -6.08 10.62
C ASP A 32 13.98 -6.11 9.28
N SER A 33 14.89 -5.16 9.04
CA SER A 33 15.67 -5.03 7.82
C SER A 33 14.71 -4.99 6.61
N ILE A 34 13.66 -4.17 6.72
CA ILE A 34 12.66 -4.04 5.67
C ILE A 34 13.36 -3.68 4.33
N PRO A 35 12.86 -4.24 3.22
CA PRO A 35 13.39 -3.96 1.89
C PRO A 35 13.12 -2.48 1.59
N THR A 36 14.17 -1.66 1.63
CA THR A 36 14.10 -0.22 1.40
C THR A 36 13.51 0.10 0.00
N GLU A 37 13.60 -0.83 -0.96
CA GLU A 37 13.06 -0.69 -2.31
C GLU A 37 11.53 -0.58 -2.23
N LEU A 38 10.87 -1.58 -1.65
CA LEU A 38 9.42 -1.63 -1.49
C LEU A 38 9.01 -0.47 -0.57
N LEU A 39 9.79 -0.19 0.49
CA LEU A 39 9.50 0.88 1.45
C LEU A 39 9.35 2.19 0.68
N ASN A 40 10.31 2.51 -0.20
CA ASN A 40 10.26 3.72 -0.99
C ASN A 40 9.17 3.64 -2.05
N LYS A 41 8.90 2.47 -2.62
CA LYS A 41 7.85 2.29 -3.62
C LYS A 41 6.51 2.77 -3.06
N TRP A 42 6.24 2.51 -1.78
CA TRP A 42 4.99 2.95 -1.16
C TRP A 42 4.86 4.46 -1.19
N LYS A 43 5.91 5.21 -0.85
CA LYS A 43 5.86 6.67 -0.87
C LYS A 43 5.89 7.18 -2.31
N GLN A 44 6.57 6.47 -3.22
CA GLN A 44 6.68 6.84 -4.63
C GLN A 44 5.29 6.87 -5.28
N HIS A 45 4.47 5.84 -5.01
CA HIS A 45 3.12 5.70 -5.58
C HIS A 45 2.05 5.80 -4.50
N LYS A 46 2.25 6.68 -3.51
CA LYS A 46 1.32 6.89 -2.39
C LYS A 46 -0.12 7.05 -2.87
N GLN A 47 -0.40 8.04 -3.72
CA GLN A 47 -1.74 8.31 -4.22
C GLN A 47 -2.33 7.10 -4.94
N GLU A 48 -1.54 6.41 -5.76
CA GLU A 48 -2.03 5.24 -6.50
C GLU A 48 -2.49 4.15 -5.53
N LEU A 49 -1.64 3.84 -4.54
CA LEU A 49 -1.94 2.84 -3.52
C LEU A 49 -3.19 3.25 -2.76
N ILE A 50 -3.28 4.52 -2.40
CA ILE A 50 -4.43 5.03 -1.67
C ILE A 50 -5.69 4.73 -2.44
N ASP A 51 -5.74 5.17 -3.69
CA ASP A 51 -6.87 5.00 -4.57
C ASP A 51 -7.34 3.54 -4.57
N PHE A 52 -6.37 2.61 -4.57
CA PHE A 52 -6.61 1.18 -4.58
C PHE A 52 -7.17 0.71 -3.25
N LEU A 53 -6.44 0.92 -2.14
CA LEU A 53 -6.85 0.51 -0.80
C LEU A 53 -8.20 1.13 -0.42
N ASN A 54 -8.55 2.29 -0.99
CA ASN A 54 -9.81 2.97 -0.73
C ASN A 54 -10.95 2.25 -1.45
N GLN A 55 -10.82 2.06 -2.77
CA GLN A 55 -11.84 1.38 -3.58
C GLN A 55 -11.97 -0.11 -3.24
N LEU A 56 -10.93 -0.70 -2.65
CA LEU A 56 -10.86 -2.11 -2.27
C LEU A 56 -11.75 -2.47 -1.08
N ASP A 57 -12.08 -1.48 -0.26
CA ASP A 57 -12.87 -1.66 0.96
C ASP A 57 -14.16 -0.87 1.03
N SER A 58 -14.35 0.09 0.14
CA SER A 58 -15.54 0.93 0.11
C SER A 58 -16.14 1.13 -1.29
N GLU A 59 -15.41 0.78 -2.36
CA GLU A 59 -15.79 0.88 -3.77
C GLU A 59 -16.73 2.04 -4.13
N GLU A 60 -16.44 3.23 -3.57
CA GLU A 60 -17.23 4.45 -3.76
C GLU A 60 -16.40 5.57 -4.39
N GLN A 61 -15.13 5.71 -3.99
CA GLN A 61 -14.27 6.76 -4.51
C GLN A 61 -13.98 6.58 -6.01
N THR A 62 -13.84 7.73 -6.67
CA THR A 62 -13.55 7.98 -8.09
C THR A 62 -14.40 7.21 -9.12
N LYS A 63 -15.37 6.39 -8.70
CA LYS A 63 -16.24 5.61 -9.58
C LYS A 63 -16.92 6.49 -10.60
N GLY A 1 4.32 1.55 -16.44
CA GLY A 1 3.69 2.23 -15.30
C GLY A 1 3.74 1.33 -14.08
N ILE A 2 2.92 1.60 -13.06
CA ILE A 2 2.85 0.81 -11.83
C ILE A 2 1.42 0.34 -11.65
N ASP A 3 1.21 -0.63 -10.77
CA ASP A 3 -0.09 -1.18 -10.46
C ASP A 3 -0.13 -1.29 -8.96
N ALA A 4 -1.05 -0.57 -8.34
CA ALA A 4 -1.22 -0.55 -6.90
C ALA A 4 -1.39 -1.97 -6.34
N ALA A 5 -2.19 -2.80 -7.00
CA ALA A 5 -2.47 -4.16 -6.58
C ALA A 5 -1.20 -5.02 -6.55
N GLN A 6 -0.29 -4.79 -7.50
CA GLN A 6 0.96 -5.52 -7.59
C GLN A 6 1.80 -5.20 -6.35
N ILE A 7 1.80 -3.95 -5.92
CA ILE A 7 2.56 -3.47 -4.77
C ILE A 7 1.94 -4.03 -3.48
N VAL A 8 0.62 -4.11 -3.37
CA VAL A 8 -0.03 -4.64 -2.17
C VAL A 8 0.32 -6.12 -1.99
N ASP A 9 0.32 -6.88 -3.08
CA ASP A 9 0.60 -8.33 -3.07
C ASP A 9 2.01 -8.63 -2.57
N GLU A 10 3.04 -8.00 -3.16
CA GLU A 10 4.42 -8.20 -2.76
C GLU A 10 4.62 -7.80 -1.30
N ALA A 11 3.98 -6.72 -0.82
CA ALA A 11 4.16 -6.33 0.56
C ALA A 11 3.61 -7.44 1.46
N LEU A 12 2.47 -8.04 1.13
CA LEU A 12 1.89 -9.12 1.92
C LEU A 12 2.87 -10.30 1.94
N GLU A 13 3.61 -10.54 0.85
CA GLU A 13 4.59 -11.62 0.77
C GLU A 13 5.73 -11.34 1.75
N GLN A 14 5.99 -10.05 2.01
CA GLN A 14 6.97 -9.49 2.92
C GLN A 14 6.37 -9.22 4.30
N GLY A 15 5.17 -9.73 4.55
CA GLY A 15 4.39 -9.66 5.79
C GLY A 15 3.90 -8.27 6.14
N ILE A 16 3.88 -7.36 5.17
CA ILE A 16 3.44 -5.99 5.33
C ILE A 16 2.04 -5.81 4.75
N THR A 17 1.15 -5.44 5.63
CA THR A 17 -0.24 -5.15 5.39
C THR A 17 -0.33 -3.67 5.04
N LEU A 18 -1.05 -3.31 3.98
CA LEU A 18 -1.26 -1.92 3.58
C LEU A 18 -2.68 -1.53 3.90
N PHE A 19 -2.90 -0.27 4.27
CA PHE A 19 -4.22 0.24 4.60
C PHE A 19 -4.17 1.76 4.56
N VAL A 20 -5.33 2.41 4.68
CA VAL A 20 -5.46 3.84 4.68
C VAL A 20 -6.35 4.20 5.85
N VAL A 21 -5.90 5.14 6.68
CA VAL A 21 -6.62 5.63 7.86
C VAL A 21 -6.64 7.14 7.70
N ASN A 22 -7.81 7.77 7.80
CA ASN A 22 -8.00 9.22 7.67
C ASN A 22 -7.34 9.76 6.39
N ASN A 23 -7.32 8.96 5.31
CA ASN A 23 -6.72 9.26 4.02
C ASN A 23 -5.19 9.32 4.04
N ARG A 24 -4.56 8.68 5.02
CA ARG A 24 -3.11 8.60 5.20
C ARG A 24 -2.75 7.15 4.95
N LEU A 25 -1.80 6.89 4.06
CA LEU A 25 -1.37 5.54 3.73
C LEU A 25 -0.53 5.02 4.90
N GLN A 26 -0.98 3.96 5.55
CA GLN A 26 -0.33 3.32 6.69
C GLN A 26 0.01 1.86 6.36
N TYR A 27 0.83 1.23 7.20
CA TYR A 27 1.21 -0.16 7.01
C TYR A 27 1.54 -0.81 8.33
N GLU A 28 1.44 -2.14 8.38
CA GLU A 28 1.71 -2.93 9.57
C GLU A 28 2.43 -4.23 9.20
N THR A 29 3.42 -4.61 10.00
CA THR A 29 4.25 -5.80 9.89
C THR A 29 4.78 -6.07 11.30
N SER A 30 5.58 -7.12 11.51
CA SER A 30 6.15 -7.44 12.81
C SER A 30 7.49 -8.15 12.59
N ARG A 31 8.45 -7.42 12.01
CA ARG A 31 9.79 -7.92 11.71
C ARG A 31 10.73 -6.76 11.43
N ASP A 32 12.03 -7.02 11.56
CA ASP A 32 13.09 -6.06 11.34
C ASP A 32 13.56 -6.10 9.88
N SER A 33 14.35 -5.11 9.46
CA SER A 33 14.91 -4.95 8.13
C SER A 33 13.86 -4.94 7.02
N ILE A 34 13.09 -3.87 6.92
CA ILE A 34 12.08 -3.79 5.86
C ILE A 34 12.81 -3.54 4.53
N PRO A 35 12.26 -4.04 3.42
CA PRO A 35 12.83 -3.83 2.10
C PRO A 35 12.73 -2.34 1.76
N THR A 36 13.86 -1.63 1.79
CA THR A 36 13.94 -0.20 1.48
C THR A 36 13.38 0.08 0.08
N GLU A 37 13.49 -0.89 -0.84
CA GLU A 37 12.98 -0.85 -2.20
C GLU A 37 11.46 -0.74 -2.19
N LEU A 38 10.76 -1.66 -1.52
CA LEU A 38 9.31 -1.67 -1.40
C LEU A 38 8.85 -0.42 -0.67
N LEU A 39 9.53 -0.07 0.44
CA LEU A 39 9.23 1.11 1.23
C LEU A 39 9.22 2.33 0.32
N ASN A 40 10.28 2.46 -0.49
CA ASN A 40 10.43 3.55 -1.46
C ASN A 40 9.35 3.47 -2.51
N LYS A 41 8.96 2.27 -2.96
CA LYS A 41 7.91 2.11 -3.95
C LYS A 41 6.61 2.68 -3.38
N TRP A 42 6.27 2.37 -2.13
CA TRP A 42 5.04 2.83 -1.49
C TRP A 42 4.94 4.35 -1.51
N LYS A 43 5.95 5.06 -1.02
CA LYS A 43 5.92 6.53 -1.02
C LYS A 43 5.92 7.08 -2.45
N GLN A 44 6.54 6.37 -3.39
CA GLN A 44 6.63 6.80 -4.79
C GLN A 44 5.26 6.86 -5.45
N HIS A 45 4.40 5.87 -5.19
CA HIS A 45 3.06 5.78 -5.76
C HIS A 45 2.05 5.74 -4.62
N LYS A 46 2.19 6.67 -3.68
CA LYS A 46 1.32 6.79 -2.51
C LYS A 46 -0.14 6.94 -2.90
N GLN A 47 -0.52 7.94 -3.71
CA GLN A 47 -1.90 8.13 -4.11
C GLN A 47 -2.43 6.95 -4.90
N GLU A 48 -1.57 6.33 -5.73
CA GLU A 48 -1.95 5.18 -6.55
C GLU A 48 -2.39 4.06 -5.59
N LEU A 49 -1.58 3.77 -4.57
CA LEU A 49 -1.88 2.75 -3.57
C LEU A 49 -3.11 3.16 -2.79
N ILE A 50 -3.15 4.39 -2.31
CA ILE A 50 -4.29 4.91 -1.55
C ILE A 50 -5.58 4.64 -2.29
N ASP A 51 -5.69 5.05 -3.55
CA ASP A 51 -6.89 4.84 -4.36
C ASP A 51 -7.30 3.37 -4.32
N PHE A 52 -6.32 2.45 -4.37
CA PHE A 52 -6.58 1.03 -4.34
C PHE A 52 -7.12 0.60 -2.99
N LEU A 53 -6.43 0.91 -1.88
CA LEU A 53 -6.88 0.53 -0.53
C LEU A 53 -8.23 1.17 -0.23
N ASN A 54 -8.51 2.34 -0.81
CA ASN A 54 -9.77 3.05 -0.61
C ASN A 54 -10.86 2.26 -1.32
N GLN A 55 -10.73 2.02 -2.63
CA GLN A 55 -11.72 1.27 -3.40
C GLN A 55 -11.83 -0.21 -2.98
N LEU A 56 -10.80 -0.78 -2.36
CA LEU A 56 -10.74 -2.16 -1.93
C LEU A 56 -11.72 -2.48 -0.80
N ASP A 57 -11.94 -1.52 0.10
CA ASP A 57 -12.81 -1.71 1.26
C ASP A 57 -13.91 -0.65 1.37
N SER A 58 -13.58 0.61 1.13
CA SER A 58 -14.54 1.72 1.20
C SER A 58 -15.37 1.85 -0.08
N GLU A 59 -14.85 1.38 -1.23
CA GLU A 59 -15.46 1.38 -2.55
C GLU A 59 -16.31 2.62 -2.88
N GLU A 60 -15.77 3.81 -2.58
CA GLU A 60 -16.44 5.09 -2.81
C GLU A 60 -15.45 6.18 -3.29
N GLN A 61 -14.20 5.84 -3.59
CA GLN A 61 -13.15 6.74 -4.04
C GLN A 61 -12.39 6.13 -5.22
N THR A 62 -12.57 6.70 -6.42
CA THR A 62 -11.94 6.28 -7.67
C THR A 62 -11.62 7.50 -8.56
N LYS A 63 -10.97 8.53 -7.99
CA LYS A 63 -10.58 9.76 -8.67
C LYS A 63 -9.42 10.38 -7.94
#